data_4KGK
#
_entry.id   4KGK
#
_cell.length_a   111.254
_cell.length_b   111.254
_cell.length_c   129.124
_cell.angle_alpha   90.00
_cell.angle_beta   90.00
_cell.angle_gamma   90.00
#
_symmetry.space_group_name_H-M   'P 41'
#
loop_
_entity.id
_entity.type
_entity.pdbx_description
1 polymer 'Thg1-like uncharacterized protein'
2 non-polymer "GUANOSINE-5'-TRIPHOSPHATE"
3 non-polymer 'MAGNESIUM ION'
4 water water
#
_entity_poly.entity_id   1
_entity_poly.type   'polypeptide(L)'
_entity_poly.pdbx_seq_one_letter_code
;MDSIGDRMKRYENAYRIKLPERMPVIVRIDGAHFHTYTKGCAKPFDQDLAEAFWETCKYLAQNIMGAKLVYHQSDEISIL
ITNYDKLTTQSWFENNLQKIASVSASMATAKFNEVMREKYPDKPLATFDGRAQVLPQDEVANYFIWRQQDASKNSISMVA
QANFPHKQLQGLNGKDMQDKLMTEKNINWNDLPVWQKRGICIIKEFYEKNGALRSRWSVDHETPIISKDREYVEQFVYLN
RGAAA
;
_entity_poly.pdbx_strand_id   A,B,C,D
#
# COMPACT_ATOMS: atom_id res chain seq x y z
N SER A 3 -23.74 -9.50 -1.70
CA SER A 3 -24.44 -8.72 -0.67
C SER A 3 -23.75 -7.39 -0.42
N ILE A 4 -24.28 -6.62 0.53
CA ILE A 4 -23.70 -5.33 0.86
C ILE A 4 -22.51 -5.49 1.82
N GLY A 5 -22.46 -6.63 2.49
CA GLY A 5 -21.37 -6.93 3.40
C GLY A 5 -20.10 -7.26 2.66
N ASP A 6 -20.25 -7.94 1.53
CA ASP A 6 -19.10 -8.32 0.70
C ASP A 6 -18.49 -7.08 0.07
N ARG A 7 -19.35 -6.19 -0.40
CA ARG A 7 -18.92 -4.97 -1.07
C ARG A 7 -18.25 -4.02 -0.09
N MET A 8 -18.70 -4.04 1.16
CA MET A 8 -18.18 -3.14 2.18
C MET A 8 -16.80 -3.57 2.66
N LYS A 9 -16.61 -4.87 2.80
CA LYS A 9 -15.32 -5.43 3.23
C LYS A 9 -14.28 -5.20 2.14
N ARG A 10 -14.75 -5.08 0.90
CA ARG A 10 -13.88 -4.87 -0.25
C ARG A 10 -13.19 -3.52 -0.17
N TYR A 11 -13.95 -2.48 0.19
CA TYR A 11 -13.38 -1.16 0.40
C TYR A 11 -12.35 -1.20 1.51
N GLU A 12 -12.68 -1.93 2.58
CA GLU A 12 -11.79 -2.05 3.72
C GLU A 12 -10.48 -2.74 3.33
N ASN A 13 -10.59 -3.82 2.57
CA ASN A 13 -9.42 -4.60 2.15
C ASN A 13 -8.45 -3.79 1.32
N ALA A 14 -8.92 -2.69 0.75
CA ALA A 14 -8.08 -1.84 -0.09
C ALA A 14 -6.92 -1.23 0.67
N TYR A 15 -7.04 -1.20 1.99
CA TYR A 15 -5.96 -0.70 2.84
C TYR A 15 -5.68 -1.68 3.97
N ARG A 16 -5.85 -2.96 3.67
CA ARG A 16 -5.45 -4.03 4.56
C ARG A 16 -4.06 -4.49 4.13
N ILE A 17 -3.06 -3.66 4.41
CA ILE A 17 -1.70 -3.94 3.99
C ILE A 17 -1.02 -4.95 4.92
N LYS A 18 -0.31 -5.90 4.33
CA LYS A 18 0.44 -6.88 5.10
C LYS A 18 1.93 -6.76 4.84
N LEU A 19 2.71 -6.85 5.90
CA LEU A 19 4.17 -6.88 5.78
C LEU A 19 4.57 -8.26 5.27
N PRO A 20 5.61 -8.32 4.42
CA PRO A 20 6.10 -9.62 3.98
C PRO A 20 6.65 -10.41 5.15
N GLU A 21 6.53 -11.74 5.10
CA GLU A 21 6.91 -12.59 6.22
C GLU A 21 8.38 -13.01 6.19
N ARG A 22 8.78 -13.73 7.24
CA ARG A 22 10.17 -14.14 7.43
C ARG A 22 11.12 -12.97 7.27
N MET A 23 10.97 -11.98 8.13
CA MET A 23 11.68 -10.72 8.00
C MET A 23 11.55 -9.91 9.28
N PRO A 24 12.66 -9.35 9.75
CA PRO A 24 12.65 -8.48 10.95
C PRO A 24 11.64 -7.35 10.81
N VAL A 25 10.80 -7.19 11.82
CA VAL A 25 9.83 -6.11 11.84
C VAL A 25 10.14 -5.15 12.98
N ILE A 26 10.42 -3.91 12.64
CA ILE A 26 10.64 -2.87 13.66
C ILE A 26 9.39 -2.03 13.84
N VAL A 27 8.94 -1.90 15.09
CA VAL A 27 7.81 -1.05 15.41
C VAL A 27 8.24 0.09 16.31
N ARG A 28 8.02 1.33 15.86
CA ARG A 28 8.34 2.49 16.68
C ARG A 28 7.07 3.12 17.24
N ILE A 29 7.09 3.39 18.55
CA ILE A 29 5.98 4.04 19.22
C ILE A 29 6.45 5.36 19.82
N ASP A 30 5.95 6.47 19.28
CA ASP A 30 6.34 7.78 19.76
C ASP A 30 5.20 8.51 20.45
N GLY A 31 5.52 9.22 21.53
CA GLY A 31 4.54 9.99 22.26
C GLY A 31 4.03 11.17 21.48
N ALA A 32 2.71 11.32 21.42
CA ALA A 32 2.09 12.42 20.69
C ALA A 32 2.14 13.73 21.49
N HIS A 33 2.74 14.75 20.89
CA HIS A 33 2.94 16.07 21.50
C HIS A 33 3.33 16.03 22.97
N PHE A 34 4.39 15.28 23.28
CA PHE A 34 4.87 15.16 24.65
C PHE A 34 5.58 16.42 25.12
N HIS A 35 5.87 17.32 24.17
CA HIS A 35 6.44 18.61 24.49
C HIS A 35 5.50 19.39 25.41
N THR A 36 4.21 19.11 25.27
CA THR A 36 3.19 19.71 26.12
C THR A 36 2.95 18.85 27.35
N TYR A 37 2.95 17.53 27.16
CA TYR A 37 2.70 16.59 28.24
C TYR A 37 3.78 16.65 29.32
N THR A 38 5.03 16.82 28.90
CA THR A 38 6.16 16.84 29.82
C THR A 38 6.46 18.24 30.32
N LYS A 39 5.44 19.09 30.39
CA LYS A 39 5.61 20.45 30.87
C LYS A 39 5.88 20.47 32.38
N GLY A 40 5.15 19.63 33.11
CA GLY A 40 5.33 19.53 34.55
C GLY A 40 6.57 18.72 34.91
N CYS A 41 7.07 17.96 33.94
CA CYS A 41 8.24 17.12 34.15
C CYS A 41 9.51 17.94 34.31
N ALA A 42 10.53 17.32 34.91
CA ALA A 42 11.80 18.00 35.17
C ALA A 42 12.67 18.08 33.92
N LYS A 43 13.80 18.76 34.04
CA LYS A 43 14.74 18.93 32.94
C LYS A 43 16.17 18.88 33.46
N PRO A 44 17.10 18.33 32.65
CA PRO A 44 16.85 17.78 31.32
C PRO A 44 16.37 16.34 31.32
N PHE A 45 16.69 15.58 32.38
CA PHE A 45 16.33 14.17 32.43
C PHE A 45 15.41 13.86 33.62
N ASP A 46 14.15 13.58 33.33
CA ASP A 46 13.16 13.27 34.36
C ASP A 46 13.11 11.78 34.65
N GLN A 47 13.44 11.41 35.88
CA GLN A 47 13.48 10.00 36.30
C GLN A 47 12.12 9.32 36.21
N ASP A 48 11.11 9.95 36.80
CA ASP A 48 9.76 9.39 36.85
C ASP A 48 9.17 9.18 35.46
N LEU A 49 9.52 10.06 34.53
CA LEU A 49 9.07 9.95 33.15
C LEU A 49 9.70 8.74 32.47
N ALA A 50 11.01 8.60 32.63
CA ALA A 50 11.74 7.49 32.02
C ALA A 50 11.38 6.16 32.66
N GLU A 51 11.18 6.16 33.97
CA GLU A 51 10.82 4.95 34.70
C GLU A 51 9.48 4.40 34.20
N ALA A 52 8.60 5.31 33.79
CA ALA A 52 7.29 4.93 33.27
C ALA A 52 7.41 4.24 31.91
N PHE A 53 8.41 4.66 31.13
CA PHE A 53 8.64 4.05 29.83
C PHE A 53 9.21 2.64 29.98
N TRP A 54 10.10 2.47 30.95
CA TRP A 54 10.73 1.17 31.21
C TRP A 54 9.68 0.11 31.50
N GLU A 55 8.69 0.46 32.31
CA GLU A 55 7.60 -0.45 32.61
C GLU A 55 6.72 -0.69 31.39
N THR A 56 6.51 0.36 30.62
CA THR A 56 5.73 0.27 29.39
C THR A 56 6.41 -0.67 28.40
N CYS A 57 7.73 -0.60 28.34
CA CYS A 57 8.51 -1.46 27.46
C CYS A 57 8.40 -2.92 27.87
N LYS A 58 8.29 -3.17 29.17
CA LYS A 58 8.09 -4.52 29.67
C LYS A 58 6.75 -5.05 29.19
N TYR A 59 5.69 -4.28 29.44
CA TYR A 59 4.34 -4.66 29.08
C TYR A 59 4.20 -4.93 27.59
N LEU A 60 4.92 -4.15 26.78
CA LEU A 60 4.91 -4.32 25.33
C LEU A 60 5.54 -5.66 24.94
N ALA A 61 6.74 -5.91 25.43
CA ALA A 61 7.47 -7.13 25.11
C ALA A 61 6.79 -8.37 25.66
N GLN A 62 6.03 -8.20 26.75
CA GLN A 62 5.32 -9.32 27.37
C GLN A 62 4.10 -9.75 26.56
N ASN A 63 3.69 -8.94 25.59
CA ASN A 63 2.47 -9.23 24.85
C ASN A 63 2.62 -9.23 23.33
N ILE A 64 3.83 -8.95 22.86
CA ILE A 64 4.09 -9.00 21.41
C ILE A 64 4.74 -10.30 20.99
N MET A 65 4.02 -11.07 20.19
CA MET A 65 4.53 -12.33 19.66
C MET A 65 5.68 -12.09 18.70
N GLY A 66 6.88 -12.51 19.09
CA GLY A 66 8.05 -12.36 18.25
C GLY A 66 8.99 -11.27 18.71
N ALA A 67 8.62 -10.58 19.79
CA ALA A 67 9.44 -9.51 20.32
C ALA A 67 10.74 -10.05 20.87
N LYS A 68 11.85 -9.43 20.47
CA LYS A 68 13.17 -9.85 20.94
C LYS A 68 13.85 -8.77 21.77
N LEU A 69 13.86 -7.55 21.23
CA LEU A 69 14.59 -6.45 21.86
C LEU A 69 13.79 -5.15 21.82
N VAL A 70 13.77 -4.44 22.95
CA VAL A 70 13.07 -3.17 23.05
C VAL A 70 14.02 -2.06 23.50
N TYR A 71 14.05 -0.96 22.76
CA TYR A 71 14.94 0.16 23.06
C TYR A 71 14.18 1.45 23.35
N HIS A 72 14.48 2.08 24.49
CA HIS A 72 13.80 3.31 24.88
C HIS A 72 14.66 4.56 24.72
N GLN A 73 14.06 5.60 24.19
CA GLN A 73 14.72 6.90 24.05
C GLN A 73 13.69 8.02 24.08
N SER A 74 14.01 9.11 24.78
CA SER A 74 13.20 10.32 24.77
C SER A 74 11.73 10.07 25.10
N ASP A 75 10.91 9.95 24.06
CA ASP A 75 9.50 9.60 24.22
C ASP A 75 9.15 8.44 23.29
N GLU A 76 10.14 8.01 22.50
CA GLU A 76 9.92 6.92 21.56
C GLU A 76 10.24 5.57 22.18
N ILE A 77 9.62 4.53 21.62
CA ILE A 77 9.91 3.15 21.99
C ILE A 77 9.99 2.30 20.73
N SER A 78 11.16 1.73 20.47
CA SER A 78 11.33 0.84 19.33
C SER A 78 11.29 -0.62 19.78
N ILE A 79 10.85 -1.50 18.90
CA ILE A 79 10.72 -2.92 19.23
C ILE A 79 11.10 -3.81 18.05
N LEU A 80 12.10 -4.66 18.26
CA LEU A 80 12.49 -5.64 17.26
C LEU A 80 11.58 -6.87 17.31
N ILE A 81 11.07 -7.27 16.15
CA ILE A 81 10.16 -8.42 16.08
C ILE A 81 10.57 -9.38 14.96
N THR A 82 11.03 -10.57 15.35
CA THR A 82 11.34 -11.61 14.37
C THR A 82 10.21 -12.64 14.31
N ASN A 83 10.04 -13.23 13.13
CA ASN A 83 9.00 -14.23 12.92
C ASN A 83 9.50 -15.35 12.01
N TYR A 84 10.74 -15.78 12.26
CA TYR A 84 11.35 -16.85 11.47
C TYR A 84 12.25 -17.72 12.33
N ASP A 85 12.02 -17.70 13.65
CA ASP A 85 12.80 -18.49 14.58
C ASP A 85 12.71 -19.97 14.25
N LYS A 86 11.52 -20.39 13.83
CA LYS A 86 11.29 -21.77 13.39
C LYS A 86 10.63 -21.73 12.03
N LEU A 87 10.47 -22.90 11.41
CA LEU A 87 9.83 -22.98 10.11
C LEU A 87 8.33 -22.75 10.19
N THR A 88 7.78 -22.92 11.39
CA THR A 88 6.34 -22.81 11.60
C THR A 88 5.99 -21.59 12.43
N THR A 89 6.91 -20.63 12.51
CA THR A 89 6.69 -19.43 13.30
C THR A 89 5.60 -18.57 12.67
N GLN A 90 4.63 -18.18 13.48
CA GLN A 90 3.54 -17.33 13.02
C GLN A 90 3.84 -15.87 13.32
N SER A 91 3.41 -14.98 12.43
CA SER A 91 3.61 -13.55 12.64
C SER A 91 2.52 -12.97 13.52
N TRP A 92 2.86 -11.87 14.21
CA TRP A 92 1.89 -11.17 15.04
C TRP A 92 0.81 -10.56 14.17
N PHE A 93 -0.44 -10.92 14.43
CA PHE A 93 -1.58 -10.44 13.67
C PHE A 93 -1.43 -10.71 12.17
N GLU A 94 -0.71 -11.77 11.84
CA GLU A 94 -0.43 -12.14 10.45
C GLU A 94 0.19 -11.00 9.65
N ASN A 95 1.10 -10.26 10.29
CA ASN A 95 1.79 -9.13 9.66
C ASN A 95 0.86 -8.02 9.12
N ASN A 96 -0.31 -7.87 9.75
CA ASN A 96 -1.23 -6.80 9.39
C ASN A 96 -0.68 -5.45 9.85
N LEU A 97 -0.34 -4.60 8.90
CA LEU A 97 0.33 -3.33 9.18
C LEU A 97 -0.44 -2.40 10.11
N GLN A 98 -1.71 -2.16 9.80
CA GLN A 98 -2.52 -1.26 10.60
C GLN A 98 -2.80 -1.84 11.98
N LYS A 99 -3.00 -3.15 12.03
CA LYS A 99 -3.30 -3.82 13.30
C LYS A 99 -2.10 -3.82 14.23
N ILE A 100 -0.92 -4.08 13.67
CA ILE A 100 0.31 -4.03 14.45
C ILE A 100 0.52 -2.62 14.99
N ALA A 101 0.51 -1.64 14.08
CA ALA A 101 0.78 -0.25 14.44
C ALA A 101 -0.18 0.29 15.51
N SER A 102 -1.47 -0.02 15.37
CA SER A 102 -2.47 0.51 16.27
C SER A 102 -2.48 -0.16 17.65
N VAL A 103 -2.54 -1.49 17.67
CA VAL A 103 -2.58 -2.25 18.93
C VAL A 103 -1.31 -2.03 19.75
N SER A 104 -0.18 -1.83 19.06
CA SER A 104 1.07 -1.50 19.74
C SER A 104 0.93 -0.18 20.49
N ALA A 105 0.48 0.85 19.78
CA ALA A 105 0.30 2.18 20.38
C ALA A 105 -0.77 2.15 21.45
N SER A 106 -1.83 1.38 21.22
CA SER A 106 -2.89 1.21 22.19
C SER A 106 -2.36 0.52 23.44
N MET A 107 -1.50 -0.47 23.25
CA MET A 107 -0.89 -1.20 24.36
C MET A 107 -0.05 -0.25 25.20
N ALA A 108 0.79 0.53 24.53
CA ALA A 108 1.65 1.49 25.22
C ALA A 108 0.84 2.54 25.96
N THR A 109 -0.20 3.03 25.32
CA THR A 109 -1.06 4.07 25.91
C THR A 109 -1.76 3.59 27.16
N ALA A 110 -2.31 2.38 27.11
CA ALA A 110 -3.06 1.81 28.23
C ALA A 110 -2.21 1.69 29.50
N LYS A 111 -0.96 1.29 29.33
CA LYS A 111 -0.07 1.04 30.46
C LYS A 111 0.64 2.30 30.96
N PHE A 112 1.05 3.15 30.01
CA PHE A 112 1.78 4.36 30.35
C PHE A 112 0.95 5.30 31.22
N ASN A 113 -0.33 5.39 30.92
CA ASN A 113 -1.24 6.23 31.70
C ASN A 113 -1.54 5.64 33.08
N GLU A 114 -1.48 4.32 33.18
CA GLU A 114 -1.70 3.65 34.45
C GLU A 114 -0.52 3.85 35.41
N VAL A 115 0.69 3.70 34.89
CA VAL A 115 1.89 3.86 35.70
C VAL A 115 2.07 5.30 36.14
N MET A 116 1.86 6.23 35.21
CA MET A 116 2.08 7.64 35.49
C MET A 116 1.05 8.20 36.47
N ARG A 117 -0.12 7.57 36.52
CA ARG A 117 -1.20 8.03 37.39
C ARG A 117 -0.93 7.74 38.87
N GLU A 118 -0.02 6.82 39.13
CA GLU A 118 0.33 6.46 40.50
C GLU A 118 1.05 7.60 41.20
N LYS A 119 1.84 8.36 40.45
CA LYS A 119 2.61 9.47 41.01
C LYS A 119 2.06 10.82 40.59
N TYR A 120 1.47 10.88 39.40
CA TYR A 120 0.90 12.12 38.89
C TYR A 120 -0.56 11.94 38.50
N PRO A 121 -1.45 11.97 39.49
CA PRO A 121 -2.89 11.82 39.23
C PRO A 121 -3.48 13.03 38.50
N ASP A 122 -2.78 14.15 38.54
CA ASP A 122 -3.27 15.38 37.93
C ASP A 122 -2.83 15.49 36.47
N LYS A 123 -1.95 14.60 36.05
CA LYS A 123 -1.42 14.62 34.70
C LYS A 123 -2.48 14.25 33.66
N PRO A 124 -2.54 15.01 32.56
CA PRO A 124 -3.48 14.75 31.46
C PRO A 124 -3.18 13.43 30.76
N LEU A 125 -4.09 12.97 29.91
CA LEU A 125 -3.92 11.68 29.23
C LEU A 125 -2.79 11.73 28.20
N ALA A 126 -1.92 10.73 28.25
CA ALA A 126 -0.82 10.63 27.30
C ALA A 126 -1.21 9.73 26.13
N THR A 127 -0.81 10.12 24.93
CA THR A 127 -1.16 9.37 23.73
C THR A 127 0.06 9.08 22.86
N PHE A 128 0.01 7.95 22.15
CA PHE A 128 1.14 7.52 21.34
C PHE A 128 0.73 7.20 19.91
N ASP A 129 1.64 7.43 18.97
CA ASP A 129 1.42 7.02 17.59
C ASP A 129 2.36 5.87 17.26
N GLY A 130 1.91 4.94 16.44
CA GLY A 130 2.69 3.76 16.13
C GLY A 130 2.88 3.51 14.65
N ARG A 131 4.10 3.15 14.26
CA ARG A 131 4.38 2.79 12.88
C ARG A 131 5.11 1.45 12.81
N ALA A 132 4.95 0.75 11.69
CA ALA A 132 5.56 -0.55 11.51
C ALA A 132 6.25 -0.67 10.16
N GLN A 133 7.32 -1.45 10.11
CA GLN A 133 8.10 -1.61 8.89
C GLN A 133 8.81 -2.94 8.90
N VAL A 134 9.51 -3.26 7.81
CA VAL A 134 10.39 -4.42 7.78
C VAL A 134 11.81 -3.98 7.46
N LEU A 135 12.77 -4.77 7.90
CA LEU A 135 14.17 -4.47 7.67
C LEU A 135 14.92 -5.71 7.22
N PRO A 136 15.79 -5.57 6.20
CA PRO A 136 16.72 -6.66 5.90
C PRO A 136 17.64 -6.84 7.09
N GLN A 137 18.14 -8.05 7.31
CA GLN A 137 18.95 -8.37 8.48
C GLN A 137 20.18 -7.48 8.62
N ASP A 138 20.73 -7.05 7.48
CA ASP A 138 21.93 -6.23 7.47
C ASP A 138 21.73 -4.90 8.21
N GLU A 139 20.49 -4.43 8.28
CA GLU A 139 20.22 -3.09 8.77
C GLU A 139 19.67 -3.03 10.19
N VAL A 140 19.28 -4.18 10.75
CA VAL A 140 18.64 -4.21 12.06
C VAL A 140 19.52 -3.59 13.14
N ALA A 141 20.78 -4.00 13.18
CA ALA A 141 21.74 -3.44 14.12
C ALA A 141 21.94 -1.96 13.83
N ASN A 142 22.03 -1.62 12.55
CA ASN A 142 22.20 -0.23 12.12
C ASN A 142 21.06 0.67 12.56
N TYR A 143 19.83 0.15 12.52
CA TYR A 143 18.66 0.90 12.96
C TYR A 143 18.81 1.37 14.40
N PHE A 144 19.09 0.43 15.30
CA PHE A 144 19.22 0.74 16.71
C PHE A 144 20.43 1.65 16.97
N ILE A 145 21.44 1.54 16.12
CA ILE A 145 22.59 2.45 16.20
C ILE A 145 22.13 3.85 15.84
N TRP A 146 21.35 3.95 14.77
CA TRP A 146 20.81 5.23 14.30
C TRP A 146 20.03 5.94 15.39
N ARG A 147 19.20 5.21 16.12
CA ARG A 147 18.43 5.77 17.21
C ARG A 147 19.34 6.12 18.39
N GLN A 148 20.33 5.26 18.65
CA GLN A 148 21.22 5.44 19.79
C GLN A 148 22.16 6.62 19.57
N GLN A 149 22.67 6.78 18.35
CA GLN A 149 23.48 7.93 18.00
C GLN A 149 22.66 9.20 18.07
N ASP A 150 21.37 9.08 17.73
CA ASP A 150 20.43 10.18 17.83
C ASP A 150 20.20 10.54 19.29
N ALA A 151 20.12 9.52 20.13
CA ALA A 151 19.90 9.71 21.56
C ALA A 151 21.10 10.39 22.22
N SER A 152 22.29 10.06 21.74
CA SER A 152 23.52 10.64 22.27
C SER A 152 23.63 12.11 21.93
N LYS A 153 23.27 12.46 20.71
CA LYS A 153 23.29 13.86 20.26
C LYS A 153 22.39 14.72 21.13
N ASN A 154 21.15 14.28 21.28
CA ASN A 154 20.17 15.00 22.09
C ASN A 154 20.56 15.10 23.56
N SER A 155 21.16 14.02 24.07
CA SER A 155 21.58 13.98 25.47
C SER A 155 22.61 15.07 25.77
N ILE A 156 23.61 15.18 24.91
CA ILE A 156 24.66 16.17 25.07
C ILE A 156 24.10 17.58 24.94
N SER A 157 23.25 17.80 23.95
CA SER A 157 22.67 19.11 23.69
C SER A 157 21.78 19.57 24.83
N MET A 158 20.90 18.69 25.29
CA MET A 158 19.97 19.03 26.37
C MET A 158 20.70 19.35 27.67
N VAL A 159 21.80 18.63 27.92
CA VAL A 159 22.62 18.89 29.09
C VAL A 159 23.30 20.25 28.97
N ALA A 160 23.61 20.64 27.74
CA ALA A 160 24.27 21.91 27.47
C ALA A 160 23.30 23.09 27.60
N GLN A 161 22.00 22.80 27.56
CA GLN A 161 20.98 23.84 27.64
C GLN A 161 20.92 24.48 29.02
N ALA A 162 21.15 23.67 30.06
CA ALA A 162 20.98 24.12 31.43
C ALA A 162 22.10 25.04 31.92
N ASN A 163 23.27 24.96 31.30
CA ASN A 163 24.42 25.72 31.76
C ASN A 163 24.82 26.86 30.84
N PHE A 164 24.52 26.74 29.55
CA PHE A 164 24.88 27.76 28.58
C PHE A 164 23.82 27.94 27.50
N PRO A 165 23.47 29.19 27.19
CA PRO A 165 22.50 29.51 26.13
C PRO A 165 23.20 29.65 24.79
N HIS A 166 22.43 29.68 23.71
CA HIS A 166 22.98 29.84 22.37
C HIS A 166 21.92 30.32 21.38
N TRP A 189 31.06 14.70 30.93
CA TRP A 189 29.76 14.37 30.35
C TRP A 189 29.51 12.87 30.38
N ASN A 190 30.59 12.09 30.42
CA ASN A 190 30.49 10.64 30.44
C ASN A 190 30.12 10.11 31.81
N ASP A 191 30.11 10.99 32.81
CA ASP A 191 29.83 10.60 34.19
C ASP A 191 28.34 10.33 34.41
N LEU A 192 27.51 10.87 33.53
CA LEU A 192 26.06 10.65 33.63
C LEU A 192 25.72 9.20 33.33
N PRO A 193 24.64 8.68 33.97
CA PRO A 193 24.18 7.30 33.79
C PRO A 193 23.93 6.92 32.33
N VAL A 194 23.83 5.63 32.06
CA VAL A 194 23.69 5.13 30.69
C VAL A 194 22.44 5.62 29.97
N TRP A 195 21.30 5.60 30.65
CA TRP A 195 20.03 5.95 30.03
C TRP A 195 19.94 7.44 29.72
N GLN A 196 20.68 8.26 30.46
CA GLN A 196 20.72 9.69 30.22
C GLN A 196 21.70 10.02 29.10
N LYS A 197 22.48 9.02 28.68
CA LYS A 197 23.54 9.25 27.69
C LYS A 197 23.26 8.57 26.35
N ARG A 198 22.74 7.35 26.40
CA ARG A 198 22.51 6.60 25.17
C ARG A 198 21.28 5.70 25.25
N GLY A 199 20.30 6.10 26.05
CA GLY A 199 19.05 5.35 26.15
C GLY A 199 19.23 4.02 26.86
N ILE A 200 18.18 3.20 26.85
CA ILE A 200 18.21 1.93 27.56
C ILE A 200 17.52 0.83 26.75
N CYS A 201 17.83 -0.42 27.09
CA CYS A 201 17.23 -1.56 26.39
C CYS A 201 16.43 -2.45 27.33
N ILE A 202 15.52 -3.23 26.75
CA ILE A 202 14.77 -4.24 27.49
C ILE A 202 14.89 -5.59 26.78
N ILE A 203 15.55 -6.54 27.44
CA ILE A 203 15.75 -7.87 26.89
C ILE A 203 15.15 -8.91 27.82
N LYS A 204 14.89 -10.09 27.27
CA LYS A 204 14.42 -11.21 28.07
C LYS A 204 15.59 -11.76 28.87
N GLU A 205 15.46 -11.79 30.19
CA GLU A 205 16.52 -12.27 31.06
C GLU A 205 16.19 -13.65 31.59
N PHE A 206 17.20 -14.51 31.71
CA PHE A 206 16.98 -15.88 32.17
C PHE A 206 17.59 -16.13 33.55
N TYR A 207 16.78 -16.64 34.46
CA TYR A 207 17.24 -16.92 35.82
C TYR A 207 16.67 -18.23 36.35
N LEU A 213 14.06 -22.79 36.16
CA LEU A 213 14.37 -22.01 34.96
C LEU A 213 13.22 -21.09 34.56
N ARG A 214 13.26 -19.86 35.04
CA ARG A 214 12.25 -18.87 34.69
C ARG A 214 12.83 -17.80 33.77
N SER A 215 11.96 -17.15 33.02
CA SER A 215 12.36 -16.06 32.13
C SER A 215 11.59 -14.79 32.48
N ARG A 216 12.19 -13.64 32.20
CA ARG A 216 11.53 -12.36 32.44
C ARG A 216 12.18 -11.23 31.65
N TRP A 217 11.37 -10.27 31.23
CA TRP A 217 11.87 -9.08 30.54
C TRP A 217 12.37 -8.08 31.56
N SER A 218 13.64 -7.71 31.48
CA SER A 218 14.22 -6.76 32.43
C SER A 218 14.91 -5.60 31.71
N VAL A 219 15.20 -4.55 32.47
CA VAL A 219 15.84 -3.36 31.92
C VAL A 219 17.35 -3.48 32.01
N ASP A 220 18.00 -3.61 30.86
CA ASP A 220 19.45 -3.72 30.79
C ASP A 220 20.08 -2.37 31.13
N HIS A 221 20.40 -2.17 32.40
CA HIS A 221 21.06 -0.95 32.83
C HIS A 221 22.53 -0.95 32.44
N GLU A 222 22.97 -2.05 31.84
CA GLU A 222 24.31 -2.14 31.29
C GLU A 222 24.24 -2.17 29.76
N THR A 223 23.28 -1.43 29.21
CA THR A 223 23.11 -1.35 27.77
C THR A 223 24.33 -0.72 27.12
N PRO A 224 24.99 -1.48 26.23
CA PRO A 224 26.25 -1.05 25.61
C PRO A 224 26.03 -0.10 24.45
N ILE A 225 27.13 0.47 23.94
CA ILE A 225 27.09 1.22 22.70
C ILE A 225 27.03 0.21 21.56
N ILE A 226 25.89 0.14 20.90
CA ILE A 226 25.63 -0.89 19.88
C ILE A 226 26.66 -0.89 18.75
N SER A 227 27.15 0.29 18.38
CA SER A 227 28.12 0.41 17.29
C SER A 227 29.39 -0.38 17.58
N LYS A 228 29.68 -0.59 18.86
CA LYS A 228 30.80 -1.43 19.27
C LYS A 228 30.35 -2.87 19.46
N ASP A 229 29.22 -3.05 20.13
CA ASP A 229 28.69 -4.38 20.41
C ASP A 229 27.53 -4.72 19.46
N ARG A 230 27.85 -4.87 18.17
CA ARG A 230 26.85 -5.16 17.14
C ARG A 230 26.09 -6.45 17.44
N GLU A 231 26.78 -7.41 18.05
CA GLU A 231 26.18 -8.72 18.33
C GLU A 231 25.09 -8.65 19.39
N TYR A 232 25.07 -7.56 20.17
CA TYR A 232 24.04 -7.38 21.19
C TYR A 232 22.66 -7.29 20.56
N VAL A 233 22.61 -6.83 19.31
CA VAL A 233 21.36 -6.74 18.57
C VAL A 233 21.25 -7.85 17.55
N GLU A 234 22.34 -8.15 16.88
CA GLU A 234 22.36 -9.16 15.82
C GLU A 234 22.12 -10.59 16.31
N GLN A 235 22.27 -10.81 17.62
CA GLN A 235 22.03 -12.12 18.21
C GLN A 235 20.56 -12.52 18.10
N PHE A 236 19.69 -11.52 18.01
CA PHE A 236 18.26 -11.76 17.86
C PHE A 236 17.91 -11.78 16.38
N VAL A 237 18.74 -11.12 15.58
CA VAL A 237 18.54 -11.04 14.14
C VAL A 237 18.92 -12.35 13.48
N TYR A 238 20.20 -12.70 13.59
CA TYR A 238 20.72 -13.90 12.96
C TYR A 238 20.56 -15.13 13.84
N LEU A 239 19.63 -16.00 13.47
CA LEU A 239 19.32 -17.19 14.24
C LEU A 239 19.70 -18.46 13.48
N ASP B 2 22.47 11.85 9.55
CA ASP B 2 22.10 12.57 8.33
C ASP B 2 22.06 11.62 7.14
N SER B 3 23.22 11.07 6.79
CA SER B 3 23.32 10.12 5.68
C SER B 3 22.67 8.79 6.06
N ILE B 4 23.02 8.29 7.25
CA ILE B 4 22.45 7.04 7.74
C ILE B 4 20.96 7.17 7.99
N GLY B 5 20.54 8.35 8.44
CA GLY B 5 19.14 8.61 8.73
C GLY B 5 18.29 8.61 7.48
N ASP B 6 18.87 9.09 6.38
CA ASP B 6 18.17 9.09 5.10
C ASP B 6 17.92 7.66 4.62
N ARG B 7 18.88 6.79 4.90
CA ARG B 7 18.78 5.39 4.49
C ARG B 7 17.67 4.69 5.25
N MET B 8 17.67 4.84 6.57
CA MET B 8 16.67 4.23 7.44
C MET B 8 15.27 4.72 7.09
N LYS B 9 15.16 6.01 6.79
CA LYS B 9 13.88 6.61 6.46
C LYS B 9 13.26 5.98 5.21
N ARG B 10 14.10 5.64 4.25
CA ARG B 10 13.62 5.00 3.03
C ARG B 10 12.95 3.66 3.32
N TYR B 11 13.50 2.92 4.28
CA TYR B 11 12.89 1.66 4.72
C TYR B 11 11.56 1.95 5.39
N GLU B 12 11.56 2.97 6.24
CA GLU B 12 10.36 3.35 6.98
C GLU B 12 9.29 3.89 6.05
N ASN B 13 9.70 4.76 5.13
CA ASN B 13 8.76 5.38 4.19
C ASN B 13 8.13 4.39 3.23
N ALA B 14 8.69 3.19 3.16
CA ALA B 14 8.17 2.14 2.28
C ALA B 14 6.74 1.78 2.65
N TYR B 15 6.35 2.08 3.89
CA TYR B 15 5.01 1.79 4.36
C TYR B 15 4.32 3.04 4.93
N ARG B 16 4.87 4.20 4.61
CA ARG B 16 4.18 5.45 4.89
C ARG B 16 3.10 5.65 3.84
N ILE B 17 1.93 5.06 4.08
CA ILE B 17 0.84 5.07 3.11
C ILE B 17 -0.14 6.20 3.42
N LYS B 18 -0.61 6.88 2.37
CA LYS B 18 -1.54 7.98 2.52
C LYS B 18 -2.85 7.73 1.78
N LEU B 19 -3.96 8.01 2.45
CA LEU B 19 -5.27 7.96 1.81
C LEU B 19 -5.43 9.19 0.93
N PRO B 20 -6.01 9.01 -0.27
CA PRO B 20 -6.25 10.14 -1.17
C PRO B 20 -7.17 11.17 -0.50
N GLU B 21 -6.82 12.45 -0.65
CA GLU B 21 -7.53 13.52 0.03
C GLU B 21 -8.86 13.88 -0.63
N ARG B 22 -9.63 14.74 0.03
CA ARG B 22 -10.96 15.15 -0.42
C ARG B 22 -11.86 13.94 -0.65
N MET B 23 -11.92 13.08 0.35
CA MET B 23 -12.68 11.84 0.25
C MET B 23 -13.08 11.38 1.64
N PRO B 24 -14.33 10.90 1.79
CA PRO B 24 -14.84 10.44 3.09
C PRO B 24 -13.98 9.33 3.70
N VAL B 25 -13.38 9.62 4.85
CA VAL B 25 -12.57 8.63 5.56
C VAL B 25 -13.32 8.05 6.75
N ILE B 26 -13.36 6.73 6.83
CA ILE B 26 -13.99 6.04 7.95
C ILE B 26 -12.93 5.38 8.82
N VAL B 27 -13.05 5.52 10.13
CA VAL B 27 -12.11 4.87 11.05
C VAL B 27 -12.89 4.01 12.04
N ARG B 28 -12.61 2.72 12.05
CA ARG B 28 -13.28 1.82 13.00
C ARG B 28 -12.32 1.32 14.08
N ILE B 29 -12.80 1.33 15.32
CA ILE B 29 -12.00 0.91 16.45
C ILE B 29 -12.71 -0.21 17.21
N ASP B 30 -12.23 -1.44 17.05
CA ASP B 30 -12.83 -2.59 17.73
C ASP B 30 -12.01 -2.94 18.96
N GLY B 31 -12.68 -3.49 19.97
CA GLY B 31 -12.00 -3.89 21.20
C GLY B 31 -11.12 -5.09 21.01
N ALA B 32 -10.08 -5.20 21.84
CA ALA B 32 -9.17 -6.34 21.79
C ALA B 32 -9.44 -7.31 22.94
N HIS B 33 -9.79 -8.55 22.59
CA HIS B 33 -10.08 -9.59 23.57
C HIS B 33 -11.17 -9.16 24.55
N PHE B 34 -12.19 -8.46 24.04
CA PHE B 34 -13.24 -7.93 24.89
C PHE B 34 -14.20 -9.00 25.38
N HIS B 35 -14.12 -10.19 24.82
CA HIS B 35 -14.90 -11.32 25.30
C HIS B 35 -14.40 -11.69 26.69
N THR B 36 -13.09 -11.59 26.88
CA THR B 36 -12.45 -11.87 28.17
C THR B 36 -12.61 -10.67 29.11
N TYR B 37 -12.46 -9.48 28.55
CA TYR B 37 -12.50 -8.25 29.32
C TYR B 37 -13.85 -8.01 29.99
N THR B 38 -14.92 -8.35 29.30
CA THR B 38 -16.28 -8.12 29.81
C THR B 38 -16.82 -9.33 30.56
N LYS B 39 -15.94 -10.06 31.24
CA LYS B 39 -16.34 -11.24 32.00
C LYS B 39 -17.17 -10.85 33.21
N GLY B 40 -16.76 -9.78 33.89
CA GLY B 40 -17.47 -9.30 35.07
C GLY B 40 -18.63 -8.40 34.72
N CYS B 41 -18.77 -8.08 33.44
CA CYS B 41 -19.84 -7.21 32.98
C CYS B 41 -21.16 -7.96 32.87
N ALA B 42 -22.27 -7.22 32.96
CA ALA B 42 -23.60 -7.81 32.97
C ALA B 42 -24.03 -8.30 31.59
N LYS B 43 -24.89 -9.32 31.59
CA LYS B 43 -25.45 -9.86 30.36
C LYS B 43 -26.97 -9.67 30.36
N PRO B 44 -27.56 -9.42 29.18
CA PRO B 44 -26.91 -9.32 27.87
C PRO B 44 -26.24 -7.97 27.66
N PHE B 45 -26.65 -6.96 28.43
CA PHE B 45 -26.09 -5.63 28.29
C PHE B 45 -25.65 -5.06 29.64
N ASP B 46 -24.48 -4.44 29.67
CA ASP B 46 -23.99 -3.77 30.86
C ASP B 46 -24.00 -2.27 30.65
N GLN B 47 -24.80 -1.56 31.44
CA GLN B 47 -24.98 -0.13 31.28
C GLN B 47 -23.69 0.66 31.49
N ASP B 48 -22.90 0.25 32.48
CA ASP B 48 -21.64 0.94 32.81
C ASP B 48 -20.61 0.76 31.70
N LEU B 49 -20.64 -0.40 31.05
CA LEU B 49 -19.71 -0.70 29.98
C LEU B 49 -20.04 0.12 28.73
N ALA B 50 -21.33 0.38 28.52
CA ALA B 50 -21.78 1.13 27.35
C ALA B 50 -21.50 2.62 27.48
N GLU B 51 -21.81 3.18 28.66
CA GLU B 51 -21.61 4.60 28.91
C GLU B 51 -20.15 5.03 28.76
N ALA B 52 -19.24 4.08 28.98
CA ALA B 52 -17.81 4.35 28.84
C ALA B 52 -17.45 4.61 27.39
N PHE B 53 -18.08 3.88 26.48
CA PHE B 53 -17.87 4.08 25.05
C PHE B 53 -18.44 5.43 24.61
N TRP B 54 -19.57 5.80 25.20
CA TRP B 54 -20.24 7.05 24.87
C TRP B 54 -19.38 8.25 25.22
N GLU B 55 -18.66 8.16 26.34
CA GLU B 55 -17.72 9.19 26.73
C GLU B 55 -16.49 9.15 25.83
N THR B 56 -16.10 7.94 25.44
CA THR B 56 -14.95 7.74 24.57
C THR B 56 -15.22 8.30 23.17
N CYS B 57 -16.43 8.04 22.66
CA CYS B 57 -16.85 8.55 21.35
C CYS B 57 -16.81 10.07 21.34
N LYS B 58 -17.24 10.69 22.44
CA LYS B 58 -17.19 12.14 22.58
C LYS B 58 -15.75 12.63 22.58
N TYR B 59 -14.91 11.99 23.39
CA TYR B 59 -13.51 12.37 23.50
C TYR B 59 -12.82 12.30 22.14
N LEU B 60 -13.11 11.24 21.39
CA LEU B 60 -12.58 11.08 20.04
C LEU B 60 -13.02 12.23 19.14
N ALA B 61 -14.33 12.41 19.01
CA ALA B 61 -14.92 13.44 18.16
C ALA B 61 -14.40 14.85 18.49
N GLN B 62 -14.12 15.08 19.77
CA GLN B 62 -13.59 16.37 20.21
C GLN B 62 -12.14 16.56 19.75
N ASN B 63 -11.50 15.49 19.31
CA ASN B 63 -10.08 15.54 18.99
C ASN B 63 -9.70 15.10 17.57
N ILE B 64 -10.57 14.32 16.92
CA ILE B 64 -10.32 13.96 15.52
C ILE B 64 -10.69 15.14 14.64
N MET B 65 -9.70 15.64 13.89
CA MET B 65 -9.94 16.78 13.00
C MET B 65 -10.74 16.36 11.78
N GLY B 66 -11.97 16.85 11.69
CA GLY B 66 -12.84 16.52 10.57
C GLY B 66 -13.93 15.52 10.93
N ALA B 67 -13.99 15.17 12.21
CA ALA B 67 -15.00 14.23 12.69
C ALA B 67 -16.40 14.83 12.58
N LYS B 68 -17.33 14.06 12.03
CA LYS B 68 -18.70 14.53 11.82
C LYS B 68 -19.72 13.62 12.49
N LEU B 69 -19.39 12.34 12.60
CA LEU B 69 -20.32 11.36 13.14
C LEU B 69 -19.56 10.19 13.75
N VAL B 70 -19.93 9.82 14.97
CA VAL B 70 -19.31 8.68 15.64
C VAL B 70 -20.36 7.65 16.06
N TYR B 71 -20.44 6.54 15.36
CA TYR B 71 -21.41 5.49 15.66
C TYR B 71 -20.82 4.40 16.55
N HIS B 72 -21.49 4.14 17.66
CA HIS B 72 -21.05 3.10 18.60
C HIS B 72 -21.95 1.87 18.52
N GLN B 73 -21.34 0.70 18.70
CA GLN B 73 -22.05 -0.57 18.74
C GLN B 73 -21.16 -1.68 19.29
N SER B 74 -21.70 -2.47 20.20
CA SER B 74 -20.97 -3.58 20.81
C SER B 74 -19.65 -3.12 21.41
N ASP B 75 -18.54 -3.53 20.80
CA ASP B 75 -17.22 -3.08 21.23
C ASP B 75 -16.51 -2.34 20.12
N GLU B 76 -17.28 -1.88 19.13
CA GLU B 76 -16.71 -1.14 18.02
C GLU B 76 -17.02 0.34 18.13
N ILE B 77 -16.20 1.17 17.50
CA ILE B 77 -16.46 2.59 17.38
C ILE B 77 -16.07 3.06 15.97
N SER B 78 -17.06 3.53 15.22
CA SER B 78 -16.82 4.05 13.89
C SER B 78 -16.89 5.57 13.89
N ILE B 79 -16.07 6.22 13.06
CA ILE B 79 -16.04 7.67 12.98
C ILE B 79 -16.01 8.14 11.53
N LEU B 80 -16.92 9.03 11.17
CA LEU B 80 -16.93 9.62 9.83
C LEU B 80 -16.04 10.87 9.82
N ILE B 81 -15.07 10.90 8.90
CA ILE B 81 -14.17 12.03 8.80
C ILE B 81 -14.18 12.62 7.40
N THR B 82 -14.53 13.90 7.30
CA THR B 82 -14.52 14.59 6.01
C THR B 82 -13.46 15.68 5.98
N ASN B 83 -12.83 15.84 4.83
CA ASN B 83 -11.74 16.80 4.67
C ASN B 83 -11.91 17.62 3.39
N TYR B 84 -13.14 17.72 2.91
CA TYR B 84 -13.43 18.46 1.69
C TYR B 84 -14.50 19.51 1.94
N ASP B 85 -14.68 19.85 3.21
CA ASP B 85 -15.71 20.82 3.63
C ASP B 85 -15.51 22.17 2.97
N LYS B 86 -14.25 22.55 2.77
CA LYS B 86 -13.92 23.80 2.10
C LYS B 86 -12.91 23.50 1.00
N LEU B 87 -12.21 24.53 0.54
CA LEU B 87 -11.19 24.37 -0.49
C LEU B 87 -9.79 24.27 0.10
N THR B 88 -9.64 24.74 1.34
CA THR B 88 -8.35 24.73 1.99
C THR B 88 -8.37 23.84 3.24
N THR B 89 -9.37 22.96 3.30
CA THR B 89 -9.48 22.03 4.42
C THR B 89 -8.31 21.05 4.45
N GLN B 90 -7.59 21.03 5.56
CA GLN B 90 -6.46 20.13 5.72
C GLN B 90 -6.94 18.74 6.12
N SER B 91 -6.05 17.76 5.98
CA SER B 91 -6.36 16.39 6.40
C SER B 91 -5.68 16.07 7.72
N TRP B 92 -6.35 15.28 8.55
CA TRP B 92 -5.77 14.84 9.82
C TRP B 92 -4.52 14.00 9.56
N PHE B 93 -3.39 14.47 10.06
CA PHE B 93 -2.08 13.83 9.83
C PHE B 93 -1.77 13.69 8.35
N GLU B 94 -2.37 14.55 7.53
CA GLU B 94 -2.23 14.48 6.09
C GLU B 94 -2.60 13.11 5.55
N ASN B 95 -3.65 12.53 6.14
CA ASN B 95 -4.13 11.20 5.76
C ASN B 95 -3.09 10.08 5.84
N ASN B 96 -2.18 10.19 6.81
CA ASN B 96 -1.21 9.13 7.08
C ASN B 96 -1.93 7.92 7.67
N LEU B 97 -1.96 6.83 6.91
CA LEU B 97 -2.76 5.65 7.26
C LEU B 97 -2.42 5.05 8.61
N GLN B 98 -1.16 4.71 8.83
CA GLN B 98 -0.73 4.11 10.10
C GLN B 98 -0.95 5.05 11.27
N LYS B 99 -0.83 6.35 11.00
CA LYS B 99 -0.94 7.36 12.05
C LYS B 99 -2.37 7.49 12.56
N ILE B 100 -3.31 7.74 11.66
CA ILE B 100 -4.70 7.93 12.07
C ILE B 100 -5.32 6.63 12.57
N ALA B 101 -4.70 5.50 12.23
CA ALA B 101 -5.18 4.22 12.69
C ALA B 101 -4.70 3.94 14.11
N SER B 102 -3.52 4.45 14.43
CA SER B 102 -2.91 4.21 15.74
C SER B 102 -3.30 5.26 16.77
N VAL B 103 -3.22 6.53 16.39
CA VAL B 103 -3.57 7.63 17.29
C VAL B 103 -5.04 7.53 17.70
N SER B 104 -5.88 7.09 16.77
CA SER B 104 -7.28 6.83 17.06
C SER B 104 -7.38 5.80 18.18
N ALA B 105 -6.80 4.63 17.93
CA ALA B 105 -6.83 3.53 18.89
C ALA B 105 -6.18 3.93 20.21
N SER B 106 -5.13 4.73 20.12
CA SER B 106 -4.46 5.26 21.31
C SER B 106 -5.39 6.17 22.10
N MET B 107 -6.06 7.09 21.40
CA MET B 107 -7.00 8.01 22.03
C MET B 107 -8.15 7.27 22.72
N ALA B 108 -8.77 6.35 21.99
CA ALA B 108 -9.88 5.57 22.52
C ALA B 108 -9.41 4.76 23.73
N THR B 109 -8.15 4.35 23.70
CA THR B 109 -7.58 3.58 24.80
C THR B 109 -7.37 4.45 26.03
N ALA B 110 -6.84 5.64 25.80
CA ALA B 110 -6.51 6.57 26.88
C ALA B 110 -7.72 6.94 27.73
N LYS B 111 -8.84 7.23 27.09
CA LYS B 111 -10.04 7.67 27.79
C LYS B 111 -10.83 6.51 28.38
N PHE B 112 -10.98 5.44 27.60
CA PHE B 112 -11.78 4.29 28.02
C PHE B 112 -11.26 3.63 29.29
N ASN B 113 -9.97 3.83 29.58
CA ASN B 113 -9.38 3.29 30.80
C ASN B 113 -9.55 4.24 31.99
N GLU B 114 -9.59 5.54 31.72
CA GLU B 114 -9.78 6.52 32.77
C GLU B 114 -11.20 6.41 33.33
N VAL B 115 -12.15 6.19 32.43
CA VAL B 115 -13.55 6.10 32.81
C VAL B 115 -13.85 4.81 33.55
N MET B 116 -13.36 3.69 33.03
CA MET B 116 -13.66 2.37 33.58
C MET B 116 -12.99 2.12 34.93
N ARG B 117 -11.97 2.90 35.25
CA ARG B 117 -11.25 2.74 36.52
C ARG B 117 -12.02 3.30 37.71
N GLU B 118 -13.29 2.91 37.83
CA GLU B 118 -14.16 3.39 38.89
C GLU B 118 -15.30 2.42 39.16
N PRO B 124 -9.01 -5.15 34.71
CA PRO B 124 -7.69 -5.07 34.09
C PRO B 124 -7.62 -3.93 33.08
N LEU B 125 -6.69 -4.04 32.12
CA LEU B 125 -6.54 -3.00 31.11
C LEU B 125 -7.21 -3.39 29.79
N ALA B 126 -7.93 -2.44 29.21
CA ALA B 126 -8.57 -2.63 27.92
C ALA B 126 -7.74 -1.98 26.81
N THR B 127 -7.56 -2.70 25.70
CA THR B 127 -6.81 -2.17 24.57
C THR B 127 -7.63 -2.31 23.28
N PHE B 128 -7.22 -1.58 22.25
CA PHE B 128 -8.01 -1.52 21.02
C PHE B 128 -7.17 -1.65 19.75
N ASP B 129 -7.83 -1.98 18.65
CA ASP B 129 -7.21 -1.94 17.33
C ASP B 129 -7.93 -0.88 16.51
N GLY B 130 -7.22 -0.28 15.56
CA GLY B 130 -7.81 0.74 14.72
C GLY B 130 -7.47 0.55 13.25
N ARG B 131 -8.46 0.76 12.39
CA ARG B 131 -8.24 0.70 10.95
C ARG B 131 -8.93 1.85 10.23
N ALA B 132 -8.31 2.32 9.15
CA ALA B 132 -8.84 3.43 8.39
C ALA B 132 -9.04 3.03 6.92
N GLN B 133 -9.95 3.74 6.25
CA GLN B 133 -10.26 3.46 4.85
C GLN B 133 -10.95 4.68 4.25
N VAL B 134 -11.07 4.68 2.92
CA VAL B 134 -11.85 5.71 2.25
C VAL B 134 -13.08 5.10 1.61
N LEU B 135 -14.12 5.92 1.45
CA LEU B 135 -15.36 5.50 0.81
C LEU B 135 -15.81 6.54 -0.19
N PRO B 136 -16.45 6.10 -1.28
CA PRO B 136 -17.11 7.07 -2.15
C PRO B 136 -18.32 7.65 -1.42
N GLN B 137 -18.75 8.84 -1.80
CA GLN B 137 -19.81 9.55 -1.08
C GLN B 137 -21.10 8.76 -0.95
N ASP B 138 -21.43 7.97 -1.98
CA ASP B 138 -22.69 7.23 -2.01
C ASP B 138 -22.61 5.88 -1.29
N GLU B 139 -21.54 5.67 -0.54
CA GLU B 139 -21.39 4.41 0.20
C GLU B 139 -21.27 4.63 1.71
N VAL B 140 -21.01 5.87 2.11
CA VAL B 140 -20.90 6.22 3.52
C VAL B 140 -22.17 5.84 4.27
N ALA B 141 -23.30 6.13 3.66
CA ALA B 141 -24.60 5.82 4.25
C ALA B 141 -24.76 4.31 4.39
N ASN B 142 -24.34 3.58 3.37
CA ASN B 142 -24.45 2.12 3.37
C ASN B 142 -23.56 1.45 4.42
N TYR B 143 -22.47 2.12 4.79
CA TYR B 143 -21.58 1.60 5.82
C TYR B 143 -22.25 1.54 7.18
N PHE B 144 -22.72 2.69 7.65
CA PHE B 144 -23.38 2.78 8.95
C PHE B 144 -24.63 1.93 9.00
N ILE B 145 -25.31 1.80 7.86
CA ILE B 145 -26.43 0.87 7.73
C ILE B 145 -25.95 -0.55 7.98
N TRP B 146 -24.84 -0.91 7.34
CA TRP B 146 -24.25 -2.24 7.49
C TRP B 146 -23.85 -2.53 8.93
N ARG B 147 -23.33 -1.52 9.62
CA ARG B 147 -22.95 -1.67 11.02
C ARG B 147 -24.21 -1.75 11.88
N GLN B 148 -25.21 -0.96 11.53
CA GLN B 148 -26.46 -0.89 12.31
C GLN B 148 -27.26 -2.18 12.17
N GLN B 149 -27.32 -2.70 10.95
CA GLN B 149 -28.01 -3.97 10.71
C GLN B 149 -27.31 -5.10 11.46
N ASP B 150 -25.98 -5.02 11.49
CA ASP B 150 -25.18 -5.98 12.24
C ASP B 150 -25.40 -5.81 13.74
N ALA B 151 -25.69 -4.58 14.14
CA ALA B 151 -25.95 -4.27 15.55
C ALA B 151 -27.22 -4.95 16.04
N SER B 152 -28.23 -4.96 15.19
CA SER B 152 -29.52 -5.56 15.53
C SER B 152 -29.40 -7.07 15.68
N LYS B 153 -28.67 -7.70 14.76
CA LYS B 153 -28.47 -9.14 14.77
C LYS B 153 -27.82 -9.60 16.06
N ASN B 154 -26.79 -8.87 16.49
CA ASN B 154 -26.07 -9.20 17.72
C ASN B 154 -26.95 -9.00 18.95
N SER B 155 -27.78 -7.98 18.93
CA SER B 155 -28.66 -7.68 20.06
C SER B 155 -29.73 -8.75 20.24
N ILE B 156 -30.35 -9.16 19.12
CA ILE B 156 -31.36 -10.20 19.15
C ILE B 156 -30.76 -11.53 19.59
N SER B 157 -29.54 -11.80 19.13
CA SER B 157 -28.85 -13.04 19.45
C SER B 157 -28.32 -13.03 20.89
N MET B 158 -28.19 -11.84 21.47
CA MET B 158 -27.69 -11.70 22.83
C MET B 158 -28.80 -11.88 23.87
N VAL B 159 -29.95 -11.25 23.59
CA VAL B 159 -31.11 -11.34 24.49
C VAL B 159 -31.64 -12.77 24.53
N ALA B 160 -31.72 -13.40 23.36
CA ALA B 160 -32.22 -14.76 23.25
C ALA B 160 -31.36 -15.74 24.05
N GLN B 161 -30.06 -15.44 24.14
CA GLN B 161 -29.12 -16.29 24.86
C GLN B 161 -29.42 -16.31 26.35
N ALA B 162 -29.22 -15.18 27.01
CA ALA B 162 -29.47 -15.06 28.44
C ALA B 162 -30.60 -14.08 28.73
N ASN B 163 -31.79 -14.62 29.01
CA ASN B 163 -32.01 -16.06 29.04
C ASN B 163 -33.08 -16.49 28.05
N LEU B 172 -32.00 -20.25 15.11
CA LEU B 172 -31.75 -20.15 13.67
C LEU B 172 -31.62 -18.69 13.23
N ASN B 173 -32.61 -18.22 12.50
CA ASN B 173 -32.62 -16.83 12.02
C ASN B 173 -32.90 -15.84 13.14
N GLY B 174 -32.64 -14.57 12.87
CA GLY B 174 -32.88 -13.51 13.85
C GLY B 174 -34.36 -13.27 14.06
N LYS B 175 -35.15 -13.42 13.00
CA LYS B 175 -36.59 -13.22 13.07
C LYS B 175 -37.26 -14.33 13.87
N ASP B 176 -36.70 -15.54 13.77
CA ASP B 176 -37.21 -16.69 14.51
C ASP B 176 -37.00 -16.49 16.00
N MET B 177 -35.83 -15.97 16.36
CA MET B 177 -35.49 -15.73 17.75
C MET B 177 -36.34 -14.60 18.33
N GLN B 178 -36.63 -13.61 17.50
CA GLN B 178 -37.46 -12.49 17.91
C GLN B 178 -38.91 -12.93 18.06
N ASP B 179 -39.31 -13.88 17.23
CA ASP B 179 -40.68 -14.40 17.25
C ASP B 179 -40.95 -15.15 18.54
N LYS B 180 -40.02 -16.02 18.92
CA LYS B 180 -40.15 -16.79 20.15
C LYS B 180 -40.10 -15.88 21.38
N LEU B 181 -38.99 -15.17 21.55
CA LEU B 181 -38.82 -14.26 22.68
C LEU B 181 -39.71 -13.02 22.52
N ILE B 187 -41.71 -10.85 27.08
CA ILE B 187 -40.40 -10.25 26.88
C ILE B 187 -40.25 -9.67 25.47
N ASN B 188 -40.68 -8.43 25.31
CA ASN B 188 -40.64 -7.75 24.02
C ASN B 188 -39.28 -7.15 23.71
N TRP B 189 -38.77 -7.43 22.51
CA TRP B 189 -37.46 -6.93 22.10
C TRP B 189 -37.52 -5.47 21.66
N ASN B 190 -38.62 -5.09 21.00
CA ASN B 190 -38.79 -3.72 20.55
C ASN B 190 -39.03 -2.75 21.70
N ASP B 191 -39.32 -3.29 22.88
CA ASP B 191 -39.57 -2.49 24.07
C ASP B 191 -38.26 -1.95 24.62
N LEU B 192 -37.17 -2.64 24.29
CA LEU B 192 -35.83 -2.26 24.74
C LEU B 192 -35.41 -0.90 24.19
N PRO B 193 -34.54 -0.19 24.90
CA PRO B 193 -34.04 1.12 24.46
C PRO B 193 -33.33 1.06 23.11
N VAL B 194 -32.98 2.22 22.56
CA VAL B 194 -32.34 2.29 21.26
C VAL B 194 -30.94 1.67 21.24
N TRP B 195 -30.11 2.06 22.21
CA TRP B 195 -28.72 1.62 22.24
C TRP B 195 -28.58 0.10 22.39
N GLN B 196 -29.57 -0.52 23.02
CA GLN B 196 -29.61 -1.96 23.14
C GLN B 196 -30.11 -2.59 21.85
N LYS B 197 -30.77 -1.79 21.02
CA LYS B 197 -31.40 -2.30 19.80
C LYS B 197 -30.51 -2.15 18.56
N ARG B 198 -30.21 -0.92 18.19
CA ARG B 198 -29.45 -0.66 16.97
C ARG B 198 -28.24 0.26 17.21
N GLY B 199 -27.57 0.05 18.34
CA GLY B 199 -26.41 0.84 18.67
C GLY B 199 -26.76 2.29 18.92
N ILE B 200 -25.79 3.19 18.77
CA ILE B 200 -26.04 4.61 19.00
C ILE B 200 -25.01 5.49 18.31
N CYS B 201 -25.41 6.71 17.98
CA CYS B 201 -24.50 7.69 17.37
C CYS B 201 -24.28 8.86 18.33
N ILE B 202 -23.16 9.55 18.15
CA ILE B 202 -22.94 10.81 18.86
C ILE B 202 -22.63 11.91 17.84
N ILE B 203 -23.35 13.03 17.93
CA ILE B 203 -23.14 14.13 17.00
C ILE B 203 -23.01 15.47 17.69
N LYS B 204 -22.61 16.48 16.90
CA LYS B 204 -22.53 17.83 17.40
C LYS B 204 -23.94 18.39 17.48
N GLU B 205 -24.31 18.88 18.66
CA GLU B 205 -25.60 19.53 18.87
C GLU B 205 -25.39 21.01 19.11
N PHE B 206 -26.34 21.82 18.68
CA PHE B 206 -26.25 23.26 18.86
C PHE B 206 -27.35 23.71 19.81
N TYR B 207 -26.95 24.26 20.95
CA TYR B 207 -27.89 24.65 21.98
C TYR B 207 -27.72 26.10 22.37
N GLU B 208 -28.61 26.60 23.22
CA GLU B 208 -28.55 27.98 23.68
C GLU B 208 -28.33 28.04 25.19
N LYS B 209 -27.37 28.86 25.60
CA LYS B 209 -27.09 29.07 27.02
C LYS B 209 -26.51 30.46 27.24
N ASN B 210 -27.30 31.48 26.89
CA ASN B 210 -26.86 32.86 27.03
C ASN B 210 -27.03 33.38 28.45
N LEU B 213 -25.64 30.63 22.01
CA LEU B 213 -25.45 29.89 20.79
C LEU B 213 -24.17 29.04 20.87
N ARG B 214 -24.27 27.91 21.55
CA ARG B 214 -23.12 27.06 21.79
C ARG B 214 -23.18 25.77 20.98
N SER B 215 -22.15 24.94 21.13
CA SER B 215 -22.10 23.65 20.45
C SER B 215 -21.38 22.62 21.31
N ARG B 216 -21.75 21.34 21.14
CA ARG B 216 -21.15 20.27 21.91
C ARG B 216 -21.46 18.93 21.25
N TRP B 217 -20.69 17.90 21.60
CA TRP B 217 -20.96 16.55 21.13
C TRP B 217 -21.92 15.85 22.07
N SER B 218 -23.06 15.42 21.53
CA SER B 218 -24.10 14.80 22.34
C SER B 218 -24.38 13.38 21.90
N VAL B 219 -24.79 12.55 22.84
CA VAL B 219 -25.14 11.15 22.56
C VAL B 219 -26.59 11.06 22.14
N ASP B 220 -26.84 10.97 20.84
CA ASP B 220 -28.20 10.92 20.30
C ASP B 220 -28.91 9.63 20.67
N HIS B 221 -29.60 9.64 21.81
CA HIS B 221 -30.34 8.47 22.29
C HIS B 221 -31.47 8.07 21.34
N GLU B 222 -31.93 9.02 20.54
CA GLU B 222 -32.96 8.75 19.54
C GLU B 222 -32.34 8.60 18.15
N THR B 223 -31.33 7.74 18.06
CA THR B 223 -30.68 7.48 16.77
C THR B 223 -31.60 6.67 15.87
N PRO B 224 -31.90 7.20 14.68
CA PRO B 224 -32.84 6.56 13.76
C PRO B 224 -32.24 5.32 13.10
N ILE B 225 -33.07 4.54 12.43
CA ILE B 225 -32.58 3.47 11.59
C ILE B 225 -32.09 4.10 10.29
N ILE B 226 -30.78 4.07 10.08
CA ILE B 226 -30.17 4.74 8.92
C ILE B 226 -30.78 4.27 7.60
N SER B 227 -31.24 3.03 7.58
CA SER B 227 -31.93 2.47 6.42
C SER B 227 -33.18 3.28 6.09
N LYS B 228 -33.84 3.78 7.12
CA LYS B 228 -35.02 4.61 6.96
C LYS B 228 -34.63 6.07 6.70
N ASP B 229 -33.77 6.60 7.57
CA ASP B 229 -33.38 8.00 7.50
C ASP B 229 -31.94 8.17 7.02
N ARG B 230 -31.73 8.04 5.72
CA ARG B 230 -30.39 8.10 5.14
C ARG B 230 -29.76 9.49 5.24
N GLU B 231 -30.59 10.52 5.21
CA GLU B 231 -30.11 11.91 5.25
C GLU B 231 -29.46 12.23 6.59
N TYR B 232 -29.80 11.43 7.61
CA TYR B 232 -29.23 11.58 8.95
C TYR B 232 -27.71 11.50 8.92
N VAL B 233 -27.17 10.76 7.97
CA VAL B 233 -25.74 10.62 7.78
C VAL B 233 -25.27 11.39 6.56
N GLU B 234 -26.09 11.36 5.50
CA GLU B 234 -25.73 12.00 4.23
C GLU B 234 -25.53 13.50 4.35
N GLN B 235 -26.04 14.09 5.43
CA GLN B 235 -25.86 15.51 5.69
C GLN B 235 -24.40 15.88 5.93
N PHE B 236 -23.60 14.88 6.29
CA PHE B 236 -22.17 15.10 6.56
C PHE B 236 -21.32 14.71 5.36
N VAL B 237 -21.94 14.01 4.40
CA VAL B 237 -21.22 13.51 3.23
C VAL B 237 -21.28 14.51 2.07
N TYR B 238 -22.44 15.13 1.89
CA TYR B 238 -22.62 16.11 0.82
C TYR B 238 -22.73 17.52 1.41
N LEU B 239 -21.86 18.42 0.97
CA LEU B 239 -21.85 19.80 1.46
C LEU B 239 -23.11 20.56 1.04
N SER C 3 1.21 -26.18 2.87
CA SER C 3 1.71 -26.18 1.51
C SER C 3 2.87 -25.19 1.36
N ILE C 4 3.45 -25.13 0.17
CA ILE C 4 4.50 -24.17 -0.12
C ILE C 4 4.00 -23.14 -1.12
N GLY C 5 2.91 -23.48 -1.81
CA GLY C 5 2.28 -22.55 -2.73
C GLY C 5 1.53 -21.51 -1.94
N ASP C 6 1.08 -21.89 -0.74
CA ASP C 6 0.40 -20.97 0.16
C ASP C 6 1.38 -19.94 0.70
N ARG C 7 2.62 -20.37 0.91
CA ARG C 7 3.67 -19.48 1.39
C ARG C 7 4.06 -18.47 0.31
N MET C 8 4.34 -18.98 -0.88
CA MET C 8 4.81 -18.14 -1.98
C MET C 8 3.76 -17.14 -2.44
N LYS C 9 2.51 -17.57 -2.49
CA LYS C 9 1.41 -16.69 -2.88
C LYS C 9 1.18 -15.63 -1.81
N ARG C 10 1.59 -15.94 -0.59
CA ARG C 10 1.40 -15.00 0.52
C ARG C 10 2.38 -13.83 0.41
N TYR C 11 3.61 -14.11 -0.03
CA TYR C 11 4.61 -13.07 -0.27
C TYR C 11 4.15 -12.17 -1.41
N GLU C 12 3.48 -12.77 -2.39
CA GLU C 12 2.97 -12.05 -3.55
C GLU C 12 1.86 -11.09 -3.14
N ASN C 13 0.93 -11.58 -2.33
CA ASN C 13 -0.24 -10.79 -1.93
C ASN C 13 0.10 -9.61 -1.03
N ALA C 14 1.32 -9.57 -0.52
CA ALA C 14 1.76 -8.46 0.32
C ALA C 14 1.90 -7.18 -0.49
N TYR C 15 1.86 -7.32 -1.82
CA TYR C 15 1.90 -6.18 -2.71
C TYR C 15 0.84 -6.28 -3.80
N ARG C 16 -0.22 -7.04 -3.51
CA ARG C 16 -1.39 -7.08 -4.37
C ARG C 16 -2.34 -5.98 -3.94
N ILE C 17 -2.06 -4.76 -4.39
CA ILE C 17 -2.84 -3.60 -4.00
C ILE C 17 -4.06 -3.41 -4.90
N LYS C 18 -5.19 -3.08 -4.28
CA LYS C 18 -6.42 -2.84 -5.03
C LYS C 18 -6.97 -1.44 -4.72
N LEU C 19 -7.24 -0.68 -5.77
CA LEU C 19 -7.85 0.62 -5.63
C LEU C 19 -9.30 0.45 -5.16
N PRO C 20 -9.78 1.37 -4.31
CA PRO C 20 -11.18 1.31 -3.86
C PRO C 20 -12.11 1.57 -5.04
N GLU C 21 -13.19 0.81 -5.12
CA GLU C 21 -14.08 0.85 -6.27
C GLU C 21 -15.03 2.05 -6.27
N ARG C 22 -15.82 2.15 -7.34
CA ARG C 22 -16.78 3.23 -7.52
C ARG C 22 -16.12 4.61 -7.45
N MET C 23 -14.92 4.69 -8.01
CA MET C 23 -14.18 5.95 -8.08
C MET C 23 -13.49 6.09 -9.43
N PRO C 24 -13.40 7.33 -9.92
CA PRO C 24 -12.66 7.61 -11.16
C PRO C 24 -11.21 7.11 -11.08
N VAL C 25 -10.74 6.50 -12.16
CA VAL C 25 -9.38 5.98 -12.22
C VAL C 25 -8.62 6.59 -13.39
N ILE C 26 -7.52 7.27 -13.11
CA ILE C 26 -6.70 7.86 -14.16
C ILE C 26 -5.39 7.09 -14.29
N VAL C 27 -5.12 6.60 -15.51
CA VAL C 27 -3.92 5.84 -15.78
C VAL C 27 -3.02 6.58 -16.76
N ARG C 28 -1.80 6.91 -16.34
CA ARG C 28 -0.89 7.65 -17.20
C ARG C 28 0.26 6.78 -17.71
N ILE C 29 0.51 6.87 -19.01
CA ILE C 29 1.56 6.09 -19.65
C ILE C 29 2.52 7.01 -20.40
N ASP C 30 3.67 7.28 -19.79
CA ASP C 30 4.66 8.15 -20.39
C ASP C 30 5.78 7.33 -21.05
N GLY C 31 6.31 7.84 -22.15
CA GLY C 31 7.37 7.16 -22.87
C GLY C 31 8.67 7.08 -22.08
N ALA C 32 9.35 5.95 -22.20
CA ALA C 32 10.60 5.75 -21.48
C ALA C 32 11.81 6.17 -22.31
N HIS C 33 12.50 7.21 -21.85
CA HIS C 33 13.68 7.75 -22.54
C HIS C 33 13.38 8.16 -23.98
N PHE C 34 12.26 8.87 -24.16
CA PHE C 34 11.84 9.29 -25.49
C PHE C 34 12.66 10.47 -26.02
N HIS C 35 13.39 11.14 -25.15
CA HIS C 35 14.26 12.23 -25.56
C HIS C 35 15.39 11.69 -26.42
N THR C 36 15.73 10.43 -26.20
CA THR C 36 16.72 9.73 -27.01
C THR C 36 16.01 9.04 -28.17
N TYR C 37 14.77 8.61 -27.92
CA TYR C 37 13.98 7.92 -28.92
C TYR C 37 13.53 8.85 -30.04
N THR C 38 13.26 10.10 -29.69
CA THR C 38 12.81 11.10 -30.67
C THR C 38 13.96 11.96 -31.18
N LYS C 39 15.17 11.40 -31.16
CA LYS C 39 16.34 12.11 -31.65
C LYS C 39 16.32 12.21 -33.17
N GLY C 40 15.73 11.20 -33.82
CA GLY C 40 15.63 11.17 -35.26
C GLY C 40 14.36 11.84 -35.77
N CYS C 41 13.40 12.03 -34.87
CA CYS C 41 12.13 12.67 -35.21
C CYS C 41 12.34 14.15 -35.52
N ALA C 42 11.36 14.75 -36.19
CA ALA C 42 11.47 16.14 -36.62
C ALA C 42 11.07 17.14 -35.53
N LYS C 43 11.34 18.40 -35.79
CA LYS C 43 11.01 19.49 -34.86
C LYS C 43 10.21 20.57 -35.60
N PRO C 44 9.33 21.30 -34.88
CA PRO C 44 9.05 21.15 -33.45
C PRO C 44 8.11 19.99 -33.17
N PHE C 45 7.34 19.58 -34.16
CA PHE C 45 6.41 18.46 -34.02
C PHE C 45 6.54 17.48 -35.17
N ASP C 46 6.63 16.19 -34.86
CA ASP C 46 6.74 15.17 -35.88
C ASP C 46 5.38 14.55 -36.16
N GLN C 47 4.91 14.68 -37.40
CA GLN C 47 3.59 14.21 -37.78
C GLN C 47 3.43 12.70 -37.63
N ASP C 48 4.43 11.95 -38.08
CA ASP C 48 4.39 10.49 -37.99
C ASP C 48 4.41 10.02 -36.54
N LEU C 49 5.09 10.76 -35.69
CA LEU C 49 5.20 10.42 -34.28
C LEU C 49 3.89 10.68 -33.55
N ALA C 50 3.20 11.75 -33.94
CA ALA C 50 1.93 12.11 -33.31
C ALA C 50 0.82 11.13 -33.67
N GLU C 51 0.78 10.74 -34.94
CA GLU C 51 -0.25 9.82 -35.42
C GLU C 51 -0.12 8.44 -34.80
N ALA C 52 1.11 8.06 -34.47
CA ALA C 52 1.37 6.78 -33.84
C ALA C 52 0.70 6.69 -32.47
N PHE C 53 0.71 7.79 -31.74
CA PHE C 53 0.05 7.86 -30.45
C PHE C 53 -1.46 7.81 -30.61
N TRP C 54 -1.97 8.48 -31.63
CA TRP C 54 -3.41 8.54 -31.90
C TRP C 54 -3.98 7.14 -32.11
N GLU C 55 -3.27 6.33 -32.90
CA GLU C 55 -3.68 4.96 -33.14
C GLU C 55 -3.55 4.14 -31.87
N THR C 56 -2.52 4.46 -31.08
CA THR C 56 -2.28 3.77 -29.82
C THR C 56 -3.37 4.09 -28.80
N CYS C 57 -3.78 5.35 -28.77
CA CYS C 57 -4.83 5.79 -27.84
C CYS C 57 -6.17 5.12 -28.14
N LYS C 58 -6.47 4.92 -29.42
CA LYS C 58 -7.70 4.24 -29.81
C LYS C 58 -7.68 2.81 -29.28
N TYR C 59 -6.59 2.11 -29.58
CA TYR C 59 -6.40 0.71 -29.19
C TYR C 59 -6.57 0.51 -27.69
N LEU C 60 -6.03 1.45 -26.91
CA LEU C 60 -6.17 1.41 -25.46
C LEU C 60 -7.64 1.56 -25.08
N ALA C 61 -8.30 2.55 -25.68
CA ALA C 61 -9.71 2.80 -25.40
C ALA C 61 -10.61 1.63 -25.81
N GLN C 62 -10.16 0.87 -26.81
CA GLN C 62 -10.94 -0.25 -27.33
C GLN C 62 -10.79 -1.50 -26.47
N ASN C 63 -9.76 -1.55 -25.62
CA ASN C 63 -9.45 -2.75 -24.86
C ASN C 63 -9.49 -2.57 -23.34
N ILE C 64 -9.80 -1.37 -22.88
CA ILE C 64 -9.85 -1.10 -21.44
C ILE C 64 -11.28 -0.95 -20.95
N MET C 65 -11.66 -1.80 -20.01
CA MET C 65 -13.01 -1.79 -19.46
C MET C 65 -13.27 -0.55 -18.62
N GLY C 66 -14.25 0.25 -19.03
CA GLY C 66 -14.62 1.45 -18.29
C GLY C 66 -13.97 2.71 -18.84
N ALA C 67 -13.24 2.57 -19.93
CA ALA C 67 -12.59 3.73 -20.56
C ALA C 67 -13.63 4.67 -21.16
N LYS C 68 -13.52 5.95 -20.83
CA LYS C 68 -14.50 6.93 -21.29
C LYS C 68 -13.81 8.09 -22.03
N LEU C 69 -12.54 8.31 -21.72
CA LEU C 69 -11.81 9.44 -22.29
C LEU C 69 -10.30 9.20 -22.26
N VAL C 70 -9.64 9.52 -23.35
CA VAL C 70 -8.18 9.38 -23.44
C VAL C 70 -7.55 10.65 -23.96
N TYR C 71 -6.63 11.23 -23.18
CA TYR C 71 -5.98 12.48 -23.56
C TYR C 71 -4.49 12.28 -23.83
N HIS C 72 -4.01 12.81 -24.95
CA HIS C 72 -2.62 12.64 -25.35
C HIS C 72 -1.86 13.96 -25.46
N GLN C 73 -0.60 13.93 -25.04
CA GLN C 73 0.27 15.11 -25.08
C GLN C 73 1.72 14.69 -24.94
N SER C 74 2.60 15.33 -25.72
CA SER C 74 4.05 15.06 -25.67
C SER C 74 4.37 13.59 -25.94
N ASP C 75 4.57 12.82 -24.87
CA ASP C 75 4.85 11.40 -24.99
C ASP C 75 4.07 10.60 -23.95
N GLU C 76 3.08 11.24 -23.34
CA GLU C 76 2.27 10.60 -22.31
C GLU C 76 0.85 10.33 -22.81
N ILE C 77 0.19 9.36 -22.20
CA ILE C 77 -1.20 9.06 -22.49
C ILE C 77 -1.98 8.86 -21.19
N SER C 78 -3.03 9.65 -21.00
CA SER C 78 -3.84 9.56 -19.79
C SER C 78 -5.21 8.99 -20.14
N ILE C 79 -5.68 8.06 -19.32
CA ILE C 79 -6.96 7.38 -19.58
C ILE C 79 -7.89 7.42 -18.38
N LEU C 80 -9.07 8.03 -18.57
CA LEU C 80 -10.09 8.07 -17.52
C LEU C 80 -10.90 6.79 -17.52
N ILE C 81 -10.96 6.12 -16.36
CA ILE C 81 -11.67 4.85 -16.24
C ILE C 81 -12.69 4.89 -15.11
N THR C 82 -13.94 4.59 -15.42
CA THR C 82 -15.00 4.61 -14.43
C THR C 82 -15.62 3.23 -14.24
N ASN C 83 -15.99 2.92 -13.00
CA ASN C 83 -16.55 1.61 -12.67
C ASN C 83 -17.84 1.73 -11.85
N TYR C 84 -18.53 2.86 -12.01
CA TYR C 84 -19.77 3.10 -11.29
C TYR C 84 -20.87 3.57 -12.25
N ASP C 85 -20.77 3.12 -13.50
CA ASP C 85 -21.74 3.47 -14.53
C ASP C 85 -23.13 3.00 -14.12
N LYS C 86 -23.26 1.69 -13.93
CA LYS C 86 -24.47 1.12 -13.37
C LYS C 86 -24.23 0.87 -11.88
N LEU C 87 -25.07 0.05 -11.27
CA LEU C 87 -24.90 -0.28 -9.86
C LEU C 87 -24.11 -1.57 -9.72
N THR C 88 -24.07 -2.36 -10.80
CA THR C 88 -23.39 -3.65 -10.78
C THR C 88 -22.21 -3.67 -11.75
N THR C 89 -21.66 -2.49 -12.06
CA THR C 89 -20.54 -2.39 -12.99
C THR C 89 -19.29 -3.07 -12.45
N GLN C 90 -18.68 -3.92 -13.27
CA GLN C 90 -17.48 -4.65 -12.87
C GLN C 90 -16.23 -3.78 -13.01
N SER C 91 -15.19 -4.13 -12.28
CA SER C 91 -13.93 -3.39 -12.32
C SER C 91 -12.92 -4.08 -13.22
N TRP C 92 -12.11 -3.28 -13.91
CA TRP C 92 -11.04 -3.82 -14.75
C TRP C 92 -9.97 -4.45 -13.86
N PHE C 93 -9.84 -5.77 -13.98
CA PHE C 93 -8.89 -6.53 -13.16
C PHE C 93 -9.15 -6.36 -11.67
N GLU C 94 -10.41 -6.10 -11.30
CA GLU C 94 -10.80 -5.80 -9.93
C GLU C 94 -9.98 -4.65 -9.34
N ASN C 95 -9.65 -3.68 -10.18
CA ASN C 95 -8.79 -2.55 -9.81
C ASN C 95 -7.43 -2.98 -9.24
N ASN C 96 -6.87 -4.07 -9.77
CA ASN C 96 -5.54 -4.50 -9.37
C ASN C 96 -4.50 -3.49 -9.83
N LEU C 97 -3.89 -2.79 -8.86
CA LEU C 97 -2.99 -1.68 -9.16
C LEU C 97 -1.86 -2.02 -10.12
N GLN C 98 -1.14 -3.10 -9.85
CA GLN C 98 -0.03 -3.50 -10.70
C GLN C 98 -0.50 -3.99 -12.07
N LYS C 99 -1.62 -4.69 -12.09
CA LYS C 99 -2.12 -5.28 -13.34
C LYS C 99 -2.63 -4.20 -14.29
N ILE C 100 -3.21 -3.15 -13.75
CA ILE C 100 -3.70 -2.04 -14.57
C ILE C 100 -2.54 -1.27 -15.17
N ALA C 101 -1.54 -0.96 -14.34
CA ALA C 101 -0.39 -0.19 -14.77
C ALA C 101 0.45 -0.93 -15.80
N SER C 102 0.55 -2.25 -15.65
CA SER C 102 1.40 -3.05 -16.53
C SER C 102 0.74 -3.36 -17.87
N VAL C 103 -0.49 -3.85 -17.84
CA VAL C 103 -1.21 -4.21 -19.06
C VAL C 103 -1.41 -2.99 -19.97
N SER C 104 -1.81 -1.87 -19.37
CA SER C 104 -1.98 -0.63 -20.12
C SER C 104 -0.68 -0.24 -20.80
N ALA C 105 0.42 -0.31 -20.05
CA ALA C 105 1.74 -0.04 -20.59
C ALA C 105 2.07 -1.05 -21.69
N SER C 106 1.70 -2.31 -21.46
CA SER C 106 1.95 -3.36 -22.43
C SER C 106 1.15 -3.15 -23.71
N MET C 107 -0.11 -2.77 -23.58
CA MET C 107 -0.95 -2.49 -24.73
C MET C 107 -0.45 -1.27 -25.50
N ALA C 108 -0.08 -0.24 -24.76
CA ALA C 108 0.46 0.97 -25.37
C ALA C 108 1.84 0.72 -25.99
N THR C 109 2.48 -0.37 -25.56
CA THR C 109 3.80 -0.72 -26.08
C THR C 109 3.68 -1.55 -27.36
N ALA C 110 2.68 -2.43 -27.39
CA ALA C 110 2.46 -3.29 -28.54
C ALA C 110 2.05 -2.51 -29.78
N LYS C 111 0.97 -1.74 -29.67
CA LYS C 111 0.41 -1.04 -30.82
C LYS C 111 1.32 0.07 -31.34
N PHE C 112 1.91 0.82 -30.41
CA PHE C 112 2.80 1.92 -30.78
C PHE C 112 3.97 1.42 -31.61
N ASN C 113 4.61 0.36 -31.13
CA ASN C 113 5.73 -0.24 -31.84
C ASN C 113 5.33 -0.74 -33.22
N GLU C 114 4.25 -1.49 -33.30
CA GLU C 114 3.81 -2.06 -34.58
C GLU C 114 3.41 -0.99 -35.60
N VAL C 115 3.01 0.18 -35.11
CA VAL C 115 2.64 1.28 -36.00
C VAL C 115 3.90 2.03 -36.45
N MET C 116 4.81 2.24 -35.52
CA MET C 116 6.05 2.97 -35.79
C MET C 116 6.99 2.19 -36.71
N ARG C 117 7.06 0.88 -36.50
CA ARG C 117 7.94 0.02 -37.28
C ARG C 117 7.51 -0.09 -38.74
N GLU C 118 6.24 0.17 -39.01
CA GLU C 118 5.72 0.15 -40.37
C GLU C 118 6.32 1.29 -41.19
N LYS C 119 6.42 2.46 -40.56
CA LYS C 119 6.99 3.63 -41.23
C LYS C 119 8.49 3.72 -41.02
N TYR C 120 8.97 3.19 -39.90
CA TYR C 120 10.39 3.23 -39.57
C TYR C 120 10.90 1.87 -39.08
N PRO C 121 11.26 0.99 -40.03
CA PRO C 121 11.68 -0.38 -39.72
C PRO C 121 13.03 -0.45 -38.98
N ASP C 122 13.79 0.64 -39.01
CA ASP C 122 15.10 0.66 -38.38
C ASP C 122 15.06 1.25 -36.97
N LYS C 123 13.92 1.83 -36.61
CA LYS C 123 13.79 2.44 -35.29
C LYS C 123 13.89 1.40 -34.18
N PRO C 124 14.59 1.75 -33.12
CA PRO C 124 14.73 0.86 -31.97
C PRO C 124 13.40 0.70 -31.24
N LEU C 125 13.28 -0.33 -30.41
CA LEU C 125 12.05 -0.58 -29.67
C LEU C 125 11.73 0.58 -28.73
N ALA C 126 10.44 0.81 -28.51
CA ALA C 126 9.99 1.85 -27.61
C ALA C 126 9.31 1.24 -26.40
N THR C 127 9.69 1.70 -25.21
CA THR C 127 9.10 1.16 -23.98
C THR C 127 8.31 2.24 -23.23
N PHE C 128 7.45 1.80 -22.32
CA PHE C 128 6.59 2.71 -21.59
C PHE C 128 6.45 2.32 -20.12
N ASP C 129 6.27 3.32 -19.27
CA ASP C 129 5.96 3.06 -17.87
C ASP C 129 4.51 3.45 -17.63
N GLY C 130 3.87 2.77 -16.69
CA GLY C 130 2.47 3.03 -16.40
C GLY C 130 2.20 3.19 -14.91
N ARG C 131 1.28 4.08 -14.57
CA ARG C 131 0.89 4.29 -13.18
C ARG C 131 -0.61 4.52 -13.09
N ALA C 132 -1.20 4.03 -12.00
CA ALA C 132 -2.63 4.20 -11.78
C ALA C 132 -2.88 4.97 -10.49
N GLN C 133 -4.07 5.56 -10.38
CA GLN C 133 -4.43 6.36 -9.22
C GLN C 133 -5.94 6.59 -9.24
N VAL C 134 -6.48 7.00 -8.10
CA VAL C 134 -7.89 7.37 -8.04
C VAL C 134 -8.02 8.87 -7.84
N LEU C 135 -9.16 9.42 -8.29
CA LEU C 135 -9.44 10.84 -8.14
C LEU C 135 -10.89 11.04 -7.74
N PRO C 136 -11.15 11.91 -6.76
CA PRO C 136 -12.51 12.32 -6.43
C PRO C 136 -13.16 13.02 -7.62
N GLN C 137 -14.47 12.86 -7.77
CA GLN C 137 -15.19 13.36 -8.95
C GLN C 137 -14.92 14.82 -9.29
N ASP C 138 -14.91 15.67 -8.27
CA ASP C 138 -14.68 17.10 -8.46
C ASP C 138 -13.23 17.43 -8.83
N GLU C 139 -12.36 16.42 -8.84
CA GLU C 139 -10.96 16.64 -9.18
C GLU C 139 -10.57 16.00 -10.51
N VAL C 140 -11.54 15.46 -11.23
CA VAL C 140 -11.25 14.79 -12.50
C VAL C 140 -10.96 15.79 -13.60
N ALA C 141 -11.78 16.83 -13.69
CA ALA C 141 -11.61 17.86 -14.71
C ALA C 141 -10.32 18.64 -14.48
N ASN C 142 -9.98 18.86 -13.21
CA ASN C 142 -8.78 19.60 -12.85
C ASN C 142 -7.50 18.87 -13.28
N TYR C 143 -7.57 17.54 -13.35
CA TYR C 143 -6.44 16.74 -13.79
C TYR C 143 -6.09 17.01 -15.25
N PHE C 144 -7.08 16.90 -16.13
CA PHE C 144 -6.88 17.13 -17.55
C PHE C 144 -6.54 18.58 -17.87
N ILE C 145 -7.06 19.51 -17.05
CA ILE C 145 -6.71 20.91 -17.17
C ILE C 145 -5.24 21.11 -16.84
N TRP C 146 -4.80 20.48 -15.75
CA TRP C 146 -3.41 20.55 -15.31
C TRP C 146 -2.48 19.92 -16.34
N ARG C 147 -2.95 18.87 -17.01
CA ARG C 147 -2.18 18.21 -18.05
C ARG C 147 -2.15 19.05 -19.32
N GLN C 148 -3.26 19.74 -19.59
CA GLN C 148 -3.38 20.54 -20.79
C GLN C 148 -2.62 21.86 -20.67
N GLN C 149 -2.49 22.35 -19.44
CA GLN C 149 -1.70 23.54 -19.18
C GLN C 149 -0.22 23.20 -19.34
N ASP C 150 0.12 21.93 -19.08
CA ASP C 150 1.47 21.44 -19.29
C ASP C 150 1.72 21.26 -20.78
N ALA C 151 0.65 20.99 -21.51
CA ALA C 151 0.73 20.82 -22.96
C ALA C 151 1.13 22.11 -23.64
N SER C 152 0.37 23.17 -23.39
CA SER C 152 0.59 24.46 -24.04
C SER C 152 1.93 25.08 -23.65
N LYS C 153 2.32 24.90 -22.40
CA LYS C 153 3.61 25.42 -21.93
C LYS C 153 4.75 24.76 -22.69
N ASN C 154 4.67 23.45 -22.84
CA ASN C 154 5.67 22.70 -23.60
C ASN C 154 5.59 23.04 -25.09
N SER C 155 4.40 23.38 -25.55
CA SER C 155 4.17 23.71 -26.95
C SER C 155 4.90 24.99 -27.35
N ILE C 156 4.69 26.06 -26.57
CA ILE C 156 5.33 27.34 -26.84
C ILE C 156 6.83 27.27 -26.65
N SER C 157 7.28 26.34 -25.80
CA SER C 157 8.71 26.17 -25.54
C SER C 157 9.40 25.45 -26.69
N MET C 158 8.67 24.59 -27.39
CA MET C 158 9.22 23.81 -28.49
C MET C 158 9.35 24.64 -29.76
N VAL C 159 8.42 25.56 -29.95
CA VAL C 159 8.42 26.42 -31.13
C VAL C 159 9.44 27.55 -31.03
N ALA C 160 9.58 28.11 -29.83
CA ALA C 160 10.50 29.20 -29.58
C ALA C 160 11.95 28.74 -29.63
N GLN C 161 12.16 27.44 -29.40
CA GLN C 161 13.50 26.87 -29.42
C GLN C 161 14.06 26.81 -30.84
N ALA C 162 13.17 26.69 -31.82
CA ALA C 162 13.58 26.77 -33.22
C ALA C 162 14.08 28.15 -33.65
N ASN C 163 13.32 29.18 -33.26
CA ASN C 163 13.61 30.56 -33.67
C ASN C 163 14.91 31.16 -33.12
N PHE C 164 15.15 30.92 -31.83
CA PHE C 164 16.29 31.50 -31.13
C PHE C 164 16.62 30.63 -29.94
N PRO C 165 17.81 30.78 -29.39
CA PRO C 165 18.19 29.94 -28.25
C PRO C 165 18.22 30.73 -26.94
N ASN C 190 2.13 31.72 -35.29
CA ASN C 190 1.08 32.26 -34.44
C ASN C 190 -0.18 31.40 -34.45
N ASP C 191 -0.45 30.74 -33.33
CA ASP C 191 -1.62 29.87 -33.22
C ASP C 191 -1.47 28.62 -34.08
N LEU C 192 -0.71 27.65 -33.59
CA LEU C 192 -0.50 26.41 -34.31
C LEU C 192 -1.78 25.58 -34.29
N PRO C 193 -1.82 24.45 -35.05
CA PRO C 193 -2.97 23.54 -34.99
C PRO C 193 -3.33 23.09 -33.57
N VAL C 194 -4.49 22.45 -33.44
CA VAL C 194 -5.03 22.08 -32.14
C VAL C 194 -4.12 21.15 -31.33
N TRP C 195 -3.79 19.99 -31.89
CA TRP C 195 -3.00 19.01 -31.17
C TRP C 195 -1.56 19.48 -30.92
N GLN C 196 -1.15 20.52 -31.63
CA GLN C 196 0.17 21.11 -31.43
C GLN C 196 0.11 22.19 -30.36
N LYS C 197 -1.10 22.55 -29.96
CA LYS C 197 -1.30 23.65 -29.02
C LYS C 197 -1.69 23.16 -27.62
N ARG C 198 -2.62 22.21 -27.56
CA ARG C 198 -3.11 21.70 -26.28
C ARG C 198 -3.42 20.21 -26.32
N GLY C 199 -2.84 19.51 -27.29
CA GLY C 199 -3.04 18.08 -27.43
C GLY C 199 -4.42 17.72 -27.96
N ILE C 200 -4.74 16.44 -27.92
CA ILE C 200 -6.04 15.97 -28.41
C ILE C 200 -6.62 14.86 -27.52
N CYS C 201 -7.87 14.50 -27.77
CA CYS C 201 -8.51 13.42 -27.04
C CYS C 201 -9.03 12.35 -27.98
N ILE C 202 -9.22 11.14 -27.44
CA ILE C 202 -9.88 10.07 -28.17
C ILE C 202 -11.18 9.73 -27.44
N ILE C 203 -12.31 9.97 -28.10
CA ILE C 203 -13.61 9.80 -27.48
C ILE C 203 -14.48 8.79 -28.21
N LYS C 204 -15.53 8.34 -27.54
CA LYS C 204 -16.53 7.49 -28.17
C LYS C 204 -17.36 8.30 -29.17
N GLU C 205 -17.58 7.72 -30.35
CA GLU C 205 -18.40 8.35 -31.36
C GLU C 205 -19.52 7.39 -31.79
N PHE C 206 -20.67 7.96 -32.13
CA PHE C 206 -21.81 7.15 -32.55
C PHE C 206 -22.19 7.46 -33.99
N TYR C 207 -22.56 6.43 -34.74
CA TYR C 207 -22.90 6.59 -36.15
C TYR C 207 -23.87 5.51 -36.62
N LEU C 213 -27.12 1.63 -35.53
CA LEU C 213 -26.49 2.36 -34.44
C LEU C 213 -25.33 1.56 -33.85
N ARG C 214 -24.12 2.06 -34.02
CA ARG C 214 -22.93 1.39 -33.53
C ARG C 214 -22.01 2.34 -32.77
N SER C 215 -21.02 1.77 -32.09
CA SER C 215 -20.06 2.56 -31.31
C SER C 215 -18.66 2.49 -31.90
N ARG C 216 -17.95 3.62 -31.87
CA ARG C 216 -16.59 3.67 -32.38
C ARG C 216 -15.77 4.72 -31.62
N TRP C 217 -14.46 4.54 -31.62
CA TRP C 217 -13.55 5.53 -31.04
C TRP C 217 -12.91 6.33 -32.16
N SER C 218 -12.80 7.64 -31.98
CA SER C 218 -12.23 8.51 -32.99
C SER C 218 -11.48 9.70 -32.39
N VAL C 219 -10.42 10.12 -33.07
CA VAL C 219 -9.61 11.24 -32.59
C VAL C 219 -10.36 12.56 -32.76
N ASP C 220 -10.56 13.27 -31.66
CA ASP C 220 -11.23 14.56 -31.69
C ASP C 220 -10.24 15.68 -31.97
N HIS C 221 -10.14 16.08 -33.24
CA HIS C 221 -9.22 17.16 -33.62
C HIS C 221 -9.71 18.50 -33.09
N GLU C 222 -11.01 18.58 -32.83
CA GLU C 222 -11.60 19.80 -32.27
C GLU C 222 -11.64 19.72 -30.74
N THR C 223 -10.47 19.51 -30.14
CA THR C 223 -10.37 19.41 -28.68
C THR C 223 -10.41 20.80 -28.05
N PRO C 224 -11.37 21.00 -27.13
CA PRO C 224 -11.54 22.29 -26.47
C PRO C 224 -10.56 22.51 -25.35
N ILE C 225 -10.42 23.76 -24.90
CA ILE C 225 -9.68 24.06 -23.69
C ILE C 225 -10.59 23.69 -22.52
N ILE C 226 -10.16 22.70 -21.75
CA ILE C 226 -11.02 22.08 -20.72
C ILE C 226 -11.51 23.09 -19.67
N SER C 227 -10.70 24.10 -19.39
CA SER C 227 -11.08 25.11 -18.41
C SER C 227 -12.27 25.94 -18.87
N LYS C 228 -12.51 25.95 -20.18
CA LYS C 228 -13.63 26.70 -20.75
C LYS C 228 -14.83 25.80 -21.04
N ASP C 229 -14.59 24.50 -21.09
CA ASP C 229 -15.66 23.53 -21.33
C ASP C 229 -15.44 22.30 -20.45
N ARG C 230 -15.66 22.45 -19.16
CA ARG C 230 -15.37 21.39 -18.19
C ARG C 230 -16.27 20.17 -18.37
N GLU C 231 -17.48 20.39 -18.88
CA GLU C 231 -18.44 19.31 -19.04
C GLU C 231 -17.97 18.29 -20.09
N TYR C 232 -17.04 18.72 -20.94
CA TYR C 232 -16.47 17.82 -21.95
C TYR C 232 -15.85 16.60 -21.30
N VAL C 233 -15.36 16.78 -20.07
CA VAL C 233 -14.83 15.69 -19.28
C VAL C 233 -15.89 15.18 -18.30
N GLU C 234 -16.52 16.13 -17.60
CA GLU C 234 -17.48 15.79 -16.54
C GLU C 234 -18.69 14.99 -17.01
N GLN C 235 -18.94 14.97 -18.32
CA GLN C 235 -20.01 14.16 -18.87
C GLN C 235 -19.74 12.67 -18.66
N PHE C 236 -18.46 12.33 -18.53
CA PHE C 236 -18.05 10.95 -18.30
C PHE C 236 -17.81 10.68 -16.82
N VAL C 237 -17.84 11.74 -16.02
CA VAL C 237 -17.57 11.63 -14.58
C VAL C 237 -18.87 11.42 -13.81
N TYR C 238 -19.77 12.40 -13.88
CA TYR C 238 -21.05 12.33 -13.21
C TYR C 238 -22.08 11.65 -14.12
N LEU C 239 -22.41 10.41 -13.81
CA LEU C 239 -23.35 9.65 -14.63
C LEU C 239 -24.12 8.60 -13.82
N ASP D 2 2.19 24.06 -10.77
CA ASP D 2 2.70 24.44 -9.46
C ASP D 2 1.65 24.18 -8.37
N SER D 3 0.83 25.20 -8.10
CA SER D 3 -0.19 25.11 -7.05
C SER D 3 -1.19 24.00 -7.32
N ILE D 4 -1.69 23.92 -8.54
CA ILE D 4 -2.63 22.87 -8.92
C ILE D 4 -1.89 21.55 -9.13
N GLY D 5 -0.64 21.63 -9.56
CA GLY D 5 0.18 20.46 -9.77
C GLY D 5 0.56 19.77 -8.47
N ASP D 6 0.64 20.56 -7.39
CA ASP D 6 0.96 20.01 -6.08
C ASP D 6 -0.18 19.17 -5.55
N ARG D 7 -1.41 19.64 -5.75
CA ARG D 7 -2.58 18.91 -5.29
C ARG D 7 -2.72 17.59 -6.04
N MET D 8 -2.51 17.65 -7.36
CA MET D 8 -2.63 16.47 -8.21
C MET D 8 -1.58 15.41 -7.89
N LYS D 9 -0.38 15.87 -7.57
CA LYS D 9 0.72 14.96 -7.25
C LYS D 9 0.45 14.14 -5.99
N ARG D 10 -0.21 14.76 -5.01
CA ARG D 10 -0.56 14.07 -3.78
C ARG D 10 -1.48 12.88 -4.03
N TYR D 11 -2.43 13.03 -4.95
CA TYR D 11 -3.32 11.94 -5.32
C TYR D 11 -2.53 10.83 -5.98
N GLU D 12 -1.60 11.21 -6.85
CA GLU D 12 -0.75 10.27 -7.55
C GLU D 12 0.21 9.56 -6.58
N ASN D 13 0.78 10.33 -5.67
CA ASN D 13 1.71 9.79 -4.68
C ASN D 13 1.03 8.91 -3.65
N ALA D 14 -0.29 8.99 -3.57
CA ALA D 14 -1.06 8.14 -2.67
C ALA D 14 -0.89 6.67 -3.04
N TYR D 15 -0.57 6.42 -4.31
CA TYR D 15 -0.31 5.06 -4.76
C TYR D 15 1.07 4.95 -5.38
N ARG D 16 1.99 5.75 -4.87
CA ARG D 16 3.40 5.63 -5.21
C ARG D 16 4.05 4.71 -4.17
N ILE D 17 3.97 3.41 -4.40
CA ILE D 17 4.52 2.43 -3.48
C ILE D 17 5.94 2.02 -3.87
N LYS D 18 6.83 1.97 -2.89
CA LYS D 18 8.20 1.52 -3.13
C LYS D 18 8.49 0.25 -2.33
N LEU D 19 9.19 -0.69 -2.97
CA LEU D 19 9.67 -1.87 -2.28
C LEU D 19 10.88 -1.49 -1.43
N PRO D 20 10.99 -2.08 -0.24
CA PRO D 20 12.16 -1.81 0.61
C PRO D 20 13.46 -2.28 -0.05
N GLU D 21 14.51 -1.49 0.11
CA GLU D 21 15.79 -1.77 -0.55
C GLU D 21 16.57 -2.90 0.12
N ARG D 22 17.70 -3.25 -0.50
CA ARG D 22 18.58 -4.32 -0.01
C ARG D 22 17.86 -5.64 0.26
N MET D 23 16.92 -5.97 -0.63
CA MET D 23 16.19 -7.23 -0.56
C MET D 23 15.92 -7.75 -1.96
N PRO D 24 16.03 -9.08 -2.13
CA PRO D 24 15.73 -9.75 -3.41
C PRO D 24 14.37 -9.35 -3.98
N VAL D 25 14.34 -9.01 -5.25
CA VAL D 25 13.10 -8.61 -5.91
C VAL D 25 12.77 -9.58 -7.04
N ILE D 26 11.52 -10.00 -7.10
CA ILE D 26 11.08 -10.92 -8.15
C ILE D 26 9.98 -10.28 -8.99
N VAL D 27 10.19 -10.23 -10.30
CA VAL D 27 9.21 -9.68 -11.21
C VAL D 27 8.69 -10.78 -12.13
N ARG D 28 7.41 -11.10 -12.01
CA ARG D 28 6.81 -12.11 -12.86
C ARG D 28 5.98 -11.48 -13.97
N ILE D 29 6.32 -11.82 -15.21
CA ILE D 29 5.64 -11.28 -16.38
C ILE D 29 4.89 -12.39 -17.09
N ASP D 30 3.56 -12.40 -16.97
CA ASP D 30 2.75 -13.44 -17.59
C ASP D 30 1.96 -12.89 -18.78
N GLY D 31 1.81 -13.73 -19.80
CA GLY D 31 1.09 -13.33 -21.01
C GLY D 31 -0.41 -13.32 -20.81
N ALA D 32 -1.05 -12.25 -21.28
CA ALA D 32 -2.49 -12.09 -21.13
C ALA D 32 -3.25 -12.75 -22.28
N HIS D 33 -4.17 -13.64 -21.93
CA HIS D 33 -5.00 -14.35 -22.91
C HIS D 33 -4.17 -15.09 -23.95
N PHE D 34 -3.21 -15.89 -23.48
CA PHE D 34 -2.34 -16.65 -24.37
C PHE D 34 -3.01 -17.94 -24.85
N HIS D 35 -4.07 -18.36 -24.17
CA HIS D 35 -4.84 -19.52 -24.58
C HIS D 35 -5.50 -19.24 -25.92
N THR D 36 -5.83 -17.98 -26.16
CA THR D 36 -6.40 -17.55 -27.43
C THR D 36 -5.27 -17.26 -28.42
N TYR D 37 -4.16 -16.76 -27.90
CA TYR D 37 -3.02 -16.35 -28.73
C TYR D 37 -2.28 -17.54 -29.33
N THR D 38 -2.29 -18.67 -28.61
CA THR D 38 -1.58 -19.86 -29.08
C THR D 38 -2.50 -20.80 -29.86
N LYS D 39 -3.54 -20.24 -30.47
CA LYS D 39 -4.49 -21.01 -31.24
C LYS D 39 -3.83 -21.62 -32.48
N GLY D 40 -2.97 -20.86 -33.13
CA GLY D 40 -2.31 -21.31 -34.33
C GLY D 40 -0.99 -22.03 -34.07
N CYS D 41 -0.47 -21.89 -32.86
CA CYS D 41 0.81 -22.51 -32.50
C CYS D 41 0.68 -24.01 -32.28
N ALA D 42 1.78 -24.72 -32.52
CA ALA D 42 1.78 -26.18 -32.48
C ALA D 42 1.79 -26.75 -31.06
N LYS D 43 1.19 -27.92 -30.91
CA LYS D 43 1.14 -28.62 -29.64
C LYS D 43 1.94 -29.92 -29.75
N PRO D 44 2.50 -30.41 -28.62
CA PRO D 44 2.42 -29.81 -27.28
C PRO D 44 3.52 -28.78 -27.04
N PHE D 45 4.56 -28.79 -27.86
CA PHE D 45 5.67 -27.87 -27.69
C PHE D 45 6.06 -27.18 -29.00
N ASP D 46 5.90 -25.87 -29.03
CA ASP D 46 6.28 -25.07 -30.19
C ASP D 46 7.64 -24.45 -29.94
N GLN D 47 8.64 -24.91 -30.70
CA GLN D 47 10.02 -24.45 -30.52
C GLN D 47 10.20 -22.98 -30.88
N ASP D 48 9.33 -22.47 -31.74
CA ASP D 48 9.37 -21.07 -32.15
C ASP D 48 8.72 -20.18 -31.10
N LEU D 49 7.75 -20.74 -30.38
CA LEU D 49 7.06 -20.02 -29.32
C LEU D 49 8.01 -19.77 -28.15
N ALA D 50 8.78 -20.78 -27.79
CA ALA D 50 9.73 -20.68 -26.68
C ALA D 50 10.94 -19.84 -27.06
N GLU D 51 11.37 -19.96 -28.31
CA GLU D 51 12.52 -19.21 -28.81
C GLU D 51 12.27 -17.71 -28.79
N ALA D 52 11.01 -17.32 -28.99
CA ALA D 52 10.63 -15.91 -28.92
C ALA D 52 10.69 -15.42 -27.47
N PHE D 53 10.33 -16.31 -26.54
CA PHE D 53 10.43 -16.00 -25.12
C PHE D 53 11.88 -15.87 -24.70
N TRP D 54 12.71 -16.81 -25.16
CA TRP D 54 14.13 -16.84 -24.80
C TRP D 54 14.86 -15.60 -25.28
N GLU D 55 14.44 -15.07 -26.43
CA GLU D 55 15.02 -13.85 -26.97
C GLU D 55 14.55 -12.64 -26.18
N THR D 56 13.36 -12.77 -25.58
CA THR D 56 12.80 -11.71 -24.75
C THR D 56 13.49 -11.69 -23.38
N CYS D 57 13.71 -12.89 -22.83
CA CYS D 57 14.36 -13.04 -21.54
C CYS D 57 15.72 -12.38 -21.50
N LYS D 58 16.50 -12.57 -22.57
CA LYS D 58 17.81 -11.95 -22.67
C LYS D 58 17.68 -10.42 -22.73
N TYR D 59 16.68 -9.95 -23.48
CA TYR D 59 16.42 -8.52 -23.59
C TYR D 59 16.10 -7.91 -22.24
N LEU D 60 15.33 -8.62 -21.44
CA LEU D 60 14.96 -8.16 -20.11
C LEU D 60 16.17 -8.10 -19.18
N ALA D 61 16.94 -9.17 -19.14
CA ALA D 61 18.11 -9.26 -18.26
C ALA D 61 19.15 -8.20 -18.61
N GLN D 62 19.24 -7.84 -19.88
CA GLN D 62 20.21 -6.86 -20.34
C GLN D 62 19.90 -5.45 -19.84
N ASN D 63 18.62 -5.11 -19.82
CA ASN D 63 18.21 -3.74 -19.51
C ASN D 63 17.75 -3.53 -18.07
N ILE D 64 17.33 -4.61 -17.41
CA ILE D 64 16.93 -4.52 -16.02
C ILE D 64 18.12 -4.48 -15.07
N MET D 65 18.29 -3.36 -14.37
CA MET D 65 19.39 -3.19 -13.44
C MET D 65 19.24 -4.11 -12.22
N GLY D 66 20.24 -4.97 -12.02
CA GLY D 66 20.23 -5.87 -10.88
C GLY D 66 19.85 -7.29 -11.25
N ALA D 67 19.54 -7.49 -12.52
CA ALA D 67 19.16 -8.82 -13.01
C ALA D 67 20.27 -9.83 -12.79
N LYS D 68 19.90 -11.01 -12.29
CA LYS D 68 20.86 -12.04 -11.99
C LYS D 68 20.46 -13.36 -12.64
N LEU D 69 19.15 -13.56 -12.79
CA LEU D 69 18.63 -14.80 -13.34
C LEU D 69 17.23 -14.58 -13.92
N VAL D 70 16.93 -15.28 -15.01
CA VAL D 70 15.64 -15.16 -15.66
C VAL D 70 15.11 -16.55 -16.02
N TYR D 71 14.15 -17.05 -15.24
CA TYR D 71 13.57 -18.37 -15.47
C TYR D 71 12.31 -18.30 -16.32
N HIS D 72 12.27 -19.08 -17.40
CA HIS D 72 11.11 -19.11 -18.28
C HIS D 72 10.34 -20.42 -18.20
N GLN D 73 9.02 -20.31 -18.26
CA GLN D 73 8.13 -21.47 -18.25
C GLN D 73 6.78 -21.07 -18.83
N SER D 74 6.24 -21.90 -19.72
CA SER D 74 4.93 -21.68 -20.31
C SER D 74 4.82 -20.29 -20.96
N ASP D 75 4.02 -19.42 -20.34
CA ASP D 75 3.81 -18.08 -20.86
C ASP D 75 4.32 -17.01 -19.90
N GLU D 76 5.00 -17.44 -18.84
CA GLU D 76 5.45 -16.51 -17.81
C GLU D 76 6.97 -16.37 -17.77
N ILE D 77 7.43 -15.24 -17.25
CA ILE D 77 8.86 -14.96 -17.11
C ILE D 77 9.15 -14.36 -15.74
N SER D 78 9.95 -15.06 -14.95
CA SER D 78 10.32 -14.57 -13.62
C SER D 78 11.74 -14.03 -13.60
N ILE D 79 11.90 -12.78 -13.18
CA ILE D 79 13.21 -12.14 -13.14
C ILE D 79 13.66 -11.90 -11.70
N LEU D 80 14.83 -12.44 -11.34
CA LEU D 80 15.39 -12.20 -10.02
C LEU D 80 16.29 -10.97 -10.04
N ILE D 81 16.03 -10.05 -9.13
CA ILE D 81 16.78 -8.80 -9.07
C ILE D 81 17.35 -8.58 -7.66
N THR D 82 18.64 -8.30 -7.59
CA THR D 82 19.28 -7.97 -6.32
C THR D 82 19.85 -6.56 -6.36
N ASN D 83 19.77 -5.85 -5.24
CA ASN D 83 20.31 -4.50 -5.16
C ASN D 83 21.18 -4.30 -3.93
N TYR D 84 21.83 -5.38 -3.51
CA TYR D 84 22.71 -5.34 -2.34
C TYR D 84 24.09 -5.93 -2.66
N ASP D 85 24.50 -5.76 -3.92
CA ASP D 85 25.81 -6.24 -4.36
C ASP D 85 26.92 -5.53 -3.61
N LYS D 86 26.69 -4.26 -3.29
CA LYS D 86 27.62 -3.49 -2.49
C LYS D 86 26.82 -2.54 -1.59
N LEU D 87 27.50 -1.56 -1.01
CA LEU D 87 26.84 -0.59 -0.14
C LEU D 87 26.37 0.63 -0.93
N THR D 88 26.99 0.86 -2.08
CA THR D 88 26.65 2.01 -2.92
C THR D 88 25.69 1.61 -4.03
N THR D 89 25.09 0.42 -3.90
CA THR D 89 24.20 -0.11 -4.92
C THR D 89 22.87 0.65 -4.96
N GLN D 90 22.45 1.03 -6.16
CA GLN D 90 21.17 1.71 -6.34
C GLN D 90 20.14 0.76 -6.91
N SER D 91 18.86 1.03 -6.64
CA SER D 91 17.79 0.17 -7.09
C SER D 91 17.22 0.61 -8.44
N TRP D 92 16.62 -0.34 -9.15
CA TRP D 92 15.98 -0.06 -10.43
C TRP D 92 14.76 0.82 -10.19
N PHE D 93 14.76 2.01 -10.80
CA PHE D 93 13.69 2.99 -10.62
C PHE D 93 13.44 3.30 -9.14
N GLU D 94 14.48 3.16 -8.33
CA GLU D 94 14.39 3.35 -6.88
C GLU D 94 13.28 2.48 -6.28
N ASN D 95 13.17 1.26 -6.78
CA ASN D 95 12.18 0.28 -6.31
C ASN D 95 10.73 0.72 -6.39
N ASN D 96 10.41 1.60 -7.33
CA ASN D 96 9.02 1.99 -7.56
C ASN D 96 8.23 0.79 -8.06
N LEU D 97 7.25 0.34 -7.27
CA LEU D 97 6.47 -0.86 -7.56
C LEU D 97 5.81 -0.83 -8.93
N GLN D 98 5.02 0.22 -9.19
CA GLN D 98 4.29 0.31 -10.45
C GLN D 98 5.23 0.46 -11.66
N LYS D 99 6.32 1.17 -11.46
CA LYS D 99 7.25 1.44 -12.56
C LYS D 99 8.02 0.19 -12.97
N ILE D 100 8.46 -0.57 -11.97
CA ILE D 100 9.15 -1.84 -12.24
C ILE D 100 8.21 -2.81 -12.94
N ALA D 101 6.97 -2.88 -12.47
CA ALA D 101 5.99 -3.81 -13.01
C ALA D 101 5.57 -3.45 -14.44
N SER D 102 5.46 -2.16 -14.70
CA SER D 102 4.99 -1.69 -16.01
C SER D 102 6.08 -1.65 -17.07
N VAL D 103 7.27 -1.20 -16.70
CA VAL D 103 8.39 -1.17 -17.63
C VAL D 103 8.81 -2.58 -18.04
N SER D 104 8.83 -3.50 -17.08
CA SER D 104 9.17 -4.89 -17.34
C SER D 104 8.18 -5.52 -18.31
N ALA D 105 6.89 -5.37 -18.02
CA ALA D 105 5.84 -5.90 -18.88
C ALA D 105 5.90 -5.25 -20.26
N SER D 106 6.34 -3.99 -20.29
CA SER D 106 6.46 -3.26 -21.54
C SER D 106 7.65 -3.74 -22.37
N MET D 107 8.80 -3.90 -21.71
CA MET D 107 9.99 -4.41 -22.38
C MET D 107 9.72 -5.79 -22.95
N ALA D 108 9.07 -6.62 -22.14
CA ALA D 108 8.73 -7.98 -22.56
C ALA D 108 7.80 -7.98 -23.75
N THR D 109 6.94 -6.96 -23.82
CA THR D 109 5.96 -6.88 -24.90
C THR D 109 6.60 -6.49 -26.23
N ALA D 110 7.42 -5.45 -26.21
CA ALA D 110 8.04 -4.91 -27.43
C ALA D 110 8.99 -5.89 -28.09
N LYS D 111 9.76 -6.61 -27.29
CA LYS D 111 10.74 -7.55 -27.82
C LYS D 111 10.08 -8.83 -28.32
N PHE D 112 9.03 -9.26 -27.64
CA PHE D 112 8.31 -10.47 -28.01
C PHE D 112 7.59 -10.31 -29.34
N ASN D 113 6.92 -9.18 -29.50
CA ASN D 113 6.21 -8.90 -30.75
C ASN D 113 7.16 -8.74 -31.93
N GLU D 114 8.31 -8.12 -31.68
CA GLU D 114 9.32 -7.92 -32.73
C GLU D 114 9.84 -9.24 -33.27
N VAL D 115 10.16 -10.16 -32.37
CA VAL D 115 10.65 -11.48 -32.76
C VAL D 115 9.56 -12.29 -33.44
N MET D 116 8.35 -12.25 -32.87
CA MET D 116 7.22 -12.99 -33.39
C MET D 116 6.71 -12.45 -34.73
N ARG D 117 6.81 -11.13 -34.92
CA ARG D 117 6.40 -10.51 -36.18
C ARG D 117 7.21 -11.07 -37.34
N GLU D 118 8.49 -11.34 -37.09
CA GLU D 118 9.35 -11.86 -38.14
C GLU D 118 9.13 -13.36 -38.32
N LYS D 119 8.83 -13.76 -39.55
CA LYS D 119 8.60 -15.17 -39.84
C LYS D 119 7.19 -15.57 -39.46
N TYR D 120 6.44 -14.61 -38.94
CA TYR D 120 5.01 -14.79 -38.79
C TYR D 120 4.27 -13.49 -39.07
N PRO D 121 4.20 -13.06 -40.33
CA PRO D 121 3.46 -11.84 -40.66
C PRO D 121 1.97 -11.95 -40.35
N ASP D 122 1.37 -10.87 -39.85
CA ASP D 122 -0.07 -10.78 -39.62
C ASP D 122 -0.60 -11.37 -38.31
N LYS D 123 0.29 -11.82 -37.43
CA LYS D 123 -0.12 -12.34 -36.12
C LYS D 123 -0.69 -11.25 -35.22
N PRO D 124 -1.68 -11.60 -34.39
CA PRO D 124 -2.26 -10.62 -33.46
C PRO D 124 -1.29 -10.21 -32.36
N LEU D 125 -1.43 -8.99 -31.86
CA LEU D 125 -0.52 -8.47 -30.85
C LEU D 125 -0.64 -9.20 -29.52
N ALA D 126 0.51 -9.59 -28.97
CA ALA D 126 0.55 -10.25 -27.67
C ALA D 126 0.88 -9.23 -26.58
N THR D 127 0.18 -9.34 -25.45
CA THR D 127 0.40 -8.43 -24.33
C THR D 127 0.76 -9.17 -23.05
N PHE D 128 1.33 -8.45 -22.10
CA PHE D 128 1.79 -9.04 -20.85
C PHE D 128 1.37 -8.24 -19.63
N ASP D 129 1.27 -8.91 -18.48
CA ASP D 129 1.06 -8.22 -17.22
C ASP D 129 2.24 -8.52 -16.30
N GLY D 130 2.68 -7.51 -15.57
CA GLY D 130 3.84 -7.66 -14.70
C GLY D 130 3.53 -7.32 -13.25
N ARG D 131 4.15 -8.06 -12.34
CA ARG D 131 3.99 -7.79 -10.91
C ARG D 131 5.34 -7.90 -10.21
N ALA D 132 5.55 -7.07 -9.20
CA ALA D 132 6.79 -7.10 -8.45
C ALA D 132 6.54 -7.54 -7.02
N GLN D 133 7.57 -8.09 -6.38
CA GLN D 133 7.49 -8.47 -4.98
C GLN D 133 8.89 -8.62 -4.41
N VAL D 134 8.96 -8.77 -3.09
CA VAL D 134 10.23 -8.96 -2.42
C VAL D 134 10.24 -10.32 -1.75
N LEU D 135 11.44 -10.85 -1.52
CA LEU D 135 11.61 -12.15 -0.89
C LEU D 135 12.81 -12.16 0.03
N PRO D 136 12.66 -12.78 1.22
CA PRO D 136 13.83 -13.00 2.06
C PRO D 136 14.77 -13.97 1.35
N GLN D 137 16.07 -13.86 1.63
CA GLN D 137 17.09 -14.64 0.93
C GLN D 137 16.84 -16.15 0.94
N ASP D 138 16.33 -16.67 2.04
CA ASP D 138 16.10 -18.11 2.17
C ASP D 138 14.89 -18.59 1.37
N GLU D 139 14.05 -17.65 0.94
CA GLU D 139 12.84 -18.01 0.19
C GLU D 139 13.00 -17.85 -1.31
N VAL D 140 14.11 -17.24 -1.74
CA VAL D 140 14.33 -16.98 -3.16
C VAL D 140 14.47 -18.27 -3.96
N ALA D 141 15.25 -19.20 -3.44
CA ALA D 141 15.44 -20.50 -4.09
C ALA D 141 14.12 -21.26 -4.17
N ASN D 142 13.36 -21.20 -3.08
CA ASN D 142 12.06 -21.90 -3.02
C ASN D 142 11.03 -21.35 -3.99
N TYR D 143 11.19 -20.11 -4.41
CA TYR D 143 10.29 -19.51 -5.38
C TYR D 143 10.43 -20.20 -6.74
N PHE D 144 11.67 -20.37 -7.18
CA PHE D 144 11.94 -20.98 -8.47
C PHE D 144 11.60 -22.46 -8.47
N ILE D 145 11.82 -23.12 -7.35
CA ILE D 145 11.43 -24.52 -7.18
C ILE D 145 9.92 -24.66 -7.34
N TRP D 146 9.19 -23.75 -6.70
CA TRP D 146 7.74 -23.69 -6.83
C TRP D 146 7.34 -23.43 -8.27
N ARG D 147 8.19 -22.73 -9.01
CA ARG D 147 7.94 -22.44 -10.41
C ARG D 147 8.41 -23.58 -11.30
N GLN D 148 9.52 -24.21 -10.93
CA GLN D 148 10.08 -25.32 -11.69
C GLN D 148 9.22 -26.57 -11.51
N GLN D 149 8.54 -26.65 -10.37
CA GLN D 149 7.64 -27.77 -10.09
C GLN D 149 6.34 -27.63 -10.85
N ASP D 150 5.89 -26.38 -11.03
CA ASP D 150 4.67 -26.12 -11.79
C ASP D 150 4.92 -26.36 -13.27
N ALA D 151 6.18 -26.21 -13.68
CA ALA D 151 6.57 -26.44 -15.06
C ALA D 151 6.40 -27.92 -15.43
N SER D 152 6.96 -28.79 -14.60
CA SER D 152 6.87 -30.22 -14.81
C SER D 152 5.42 -30.70 -14.72
N LYS D 153 4.63 -30.04 -13.87
CA LYS D 153 3.22 -30.34 -13.75
C LYS D 153 2.50 -30.00 -15.04
N ASN D 154 2.81 -28.84 -15.60
CA ASN D 154 2.26 -28.42 -16.88
C ASN D 154 2.82 -29.25 -18.02
N SER D 155 4.06 -29.68 -17.88
CA SER D 155 4.75 -30.42 -18.93
C SER D 155 4.10 -31.77 -19.20
N ILE D 156 4.01 -32.59 -18.15
CA ILE D 156 3.42 -33.93 -18.26
C ILE D 156 1.94 -33.87 -18.63
N SER D 157 1.27 -32.80 -18.18
CA SER D 157 -0.15 -32.62 -18.47
C SER D 157 -0.37 -32.20 -19.92
N MET D 158 0.66 -31.61 -20.52
CA MET D 158 0.59 -31.19 -21.91
C MET D 158 0.92 -32.36 -22.84
N VAL D 159 1.76 -33.27 -22.36
CA VAL D 159 2.10 -34.47 -23.13
C VAL D 159 0.90 -35.40 -23.23
N ALA D 160 0.18 -35.55 -22.12
CA ALA D 160 -0.99 -36.41 -22.07
C ALA D 160 -2.06 -35.98 -23.08
N GLN D 161 -2.58 -34.78 -22.90
CA GLN D 161 -3.60 -34.26 -23.82
C GLN D 161 -3.00 -33.95 -25.19
N ILE D 187 6.39 -43.79 -25.41
CA ILE D 187 6.59 -42.36 -25.14
C ILE D 187 7.22 -42.15 -23.76
N ASN D 188 8.47 -41.68 -23.76
CA ASN D 188 9.17 -41.39 -22.52
C ASN D 188 9.27 -39.90 -22.26
N TRP D 189 8.79 -39.46 -21.10
CA TRP D 189 8.79 -38.05 -20.75
C TRP D 189 10.18 -37.57 -20.35
N ASN D 190 10.94 -38.45 -19.71
CA ASN D 190 12.27 -38.11 -19.21
C ASN D 190 13.32 -37.94 -20.32
N ASP D 191 12.96 -38.35 -21.53
CA ASP D 191 13.85 -38.23 -22.67
C ASP D 191 13.73 -36.87 -23.33
N LEU D 192 12.63 -36.18 -23.06
CA LEU D 192 12.37 -34.85 -23.60
C LEU D 192 13.43 -33.85 -23.14
N PRO D 193 13.65 -32.79 -23.95
CA PRO D 193 14.63 -31.74 -23.62
C PRO D 193 14.38 -31.11 -22.25
N VAL D 194 15.42 -30.53 -21.66
CA VAL D 194 15.34 -29.94 -20.33
C VAL D 194 14.35 -28.77 -20.28
N TRP D 195 14.21 -28.05 -21.39
CA TRP D 195 13.32 -26.89 -21.43
C TRP D 195 11.86 -27.31 -21.56
N GLN D 196 11.62 -28.46 -22.20
CA GLN D 196 10.27 -28.98 -22.30
C GLN D 196 9.82 -29.60 -20.99
N LYS D 197 10.79 -30.05 -20.20
CA LYS D 197 10.49 -30.77 -18.97
C LYS D 197 10.52 -29.87 -17.74
N ARG D 198 11.48 -28.95 -17.68
CA ARG D 198 11.69 -28.14 -16.49
C ARG D 198 11.84 -26.64 -16.75
N GLY D 199 11.61 -26.22 -17.99
CA GLY D 199 11.81 -24.83 -18.35
C GLY D 199 13.28 -24.47 -18.43
N ILE D 200 13.59 -23.29 -18.97
CA ILE D 200 14.99 -22.90 -19.15
C ILE D 200 15.30 -21.51 -18.60
N CYS D 201 16.31 -21.45 -17.74
CA CYS D 201 16.81 -20.17 -17.23
C CYS D 201 17.76 -19.54 -18.23
N ILE D 202 17.97 -18.24 -18.12
CA ILE D 202 19.02 -17.58 -18.89
C ILE D 202 19.99 -16.87 -17.92
N ILE D 203 21.29 -17.08 -18.12
CA ILE D 203 22.29 -16.55 -17.20
C ILE D 203 23.44 -15.86 -17.94
N LYS D 204 24.02 -14.86 -17.29
CA LYS D 204 25.18 -14.15 -17.82
C LYS D 204 26.39 -15.08 -17.89
N GLU D 205 26.85 -15.37 -19.10
CA GLU D 205 28.02 -16.22 -19.30
C GLU D 205 29.26 -15.36 -19.56
N PHE D 206 30.42 -15.86 -19.13
CA PHE D 206 31.67 -15.15 -19.35
C PHE D 206 32.53 -15.83 -20.42
N TYR D 207 32.81 -15.11 -21.49
CA TYR D 207 33.57 -15.65 -22.61
C TYR D 207 34.76 -14.75 -22.95
N GLU D 208 35.68 -15.28 -23.74
CA GLU D 208 36.87 -14.52 -24.12
C GLU D 208 36.83 -14.08 -25.59
N LYS D 209 36.97 -12.78 -25.82
CA LYS D 209 37.00 -12.23 -27.18
C LYS D 209 37.80 -10.94 -27.19
N ASN D 210 38.65 -10.79 -28.22
CA ASN D 210 39.51 -9.61 -28.35
C ASN D 210 40.44 -9.40 -27.15
N ARG D 214 34.71 -10.89 -21.06
CA ARG D 214 33.46 -10.18 -21.33
C ARG D 214 32.25 -10.98 -20.86
N SER D 215 31.16 -10.26 -20.58
CA SER D 215 29.93 -10.89 -20.08
C SER D 215 28.89 -11.00 -21.19
N ARG D 216 27.99 -11.98 -21.04
CA ARG D 216 26.97 -12.23 -22.05
C ARG D 216 25.82 -13.07 -21.51
N TRP D 217 24.60 -12.56 -21.64
CA TRP D 217 23.41 -13.31 -21.25
C TRP D 217 23.12 -14.41 -22.26
N SER D 218 23.02 -15.65 -21.78
CA SER D 218 22.77 -16.79 -22.66
C SER D 218 21.81 -17.79 -22.03
N VAL D 219 21.13 -18.55 -22.87
CA VAL D 219 20.15 -19.54 -22.41
C VAL D 219 20.84 -20.81 -21.91
N ASP D 220 20.49 -21.22 -20.70
CA ASP D 220 21.04 -22.45 -20.14
C ASP D 220 20.15 -23.64 -20.48
N HIS D 221 20.52 -24.37 -21.53
CA HIS D 221 19.80 -25.57 -21.92
C HIS D 221 20.09 -26.71 -20.95
N GLU D 222 21.18 -26.58 -20.22
CA GLU D 222 21.55 -27.57 -19.21
C GLU D 222 21.04 -27.14 -17.83
N THR D 223 19.89 -26.48 -17.82
CA THR D 223 19.26 -26.03 -16.58
C THR D 223 18.96 -27.21 -15.67
N PRO D 224 19.51 -27.19 -14.45
CA PRO D 224 19.37 -28.32 -13.53
C PRO D 224 18.02 -28.30 -12.83
N ILE D 225 17.76 -29.33 -12.03
CA ILE D 225 16.59 -29.34 -11.16
C ILE D 225 16.96 -28.62 -9.87
N ILE D 226 16.47 -27.40 -9.73
CA ILE D 226 16.86 -26.51 -8.63
C ILE D 226 16.59 -27.13 -7.26
N SER D 227 15.57 -27.98 -7.18
CA SER D 227 15.29 -28.71 -5.95
C SER D 227 16.47 -29.57 -5.53
N LYS D 228 17.22 -30.04 -6.52
CA LYS D 228 18.43 -30.81 -6.28
C LYS D 228 19.65 -29.90 -6.14
N ASP D 229 19.80 -28.97 -7.06
CA ASP D 229 20.92 -28.03 -7.05
C ASP D 229 20.45 -26.63 -6.68
N ARG D 230 20.33 -26.38 -5.37
CA ARG D 230 19.80 -25.12 -4.87
C ARG D 230 20.79 -23.96 -4.98
N GLU D 231 22.07 -24.29 -5.08
CA GLU D 231 23.11 -23.25 -5.15
C GLU D 231 23.13 -22.61 -6.53
N TYR D 232 22.52 -23.27 -7.50
CA TYR D 232 22.41 -22.77 -8.87
C TYR D 232 21.68 -21.42 -8.89
N VAL D 233 20.80 -21.22 -7.91
CA VAL D 233 20.06 -19.98 -7.77
C VAL D 233 20.59 -19.13 -6.61
N GLU D 234 20.88 -19.79 -5.49
CA GLU D 234 21.36 -19.10 -4.30
C GLU D 234 22.72 -18.45 -4.46
N GLN D 235 23.43 -18.79 -5.53
CA GLN D 235 24.74 -18.19 -5.80
C GLN D 235 24.62 -16.69 -6.09
N PHE D 236 23.48 -16.29 -6.65
CA PHE D 236 23.23 -14.88 -6.95
C PHE D 236 22.56 -14.21 -5.76
N VAL D 237 21.93 -15.02 -4.92
CA VAL D 237 21.23 -14.51 -3.75
C VAL D 237 22.22 -14.04 -2.69
N TYR D 238 23.00 -14.96 -2.16
CA TYR D 238 24.00 -14.63 -1.15
C TYR D 238 25.29 -14.14 -1.80
N LEU D 239 25.33 -12.85 -2.11
CA LEU D 239 26.47 -12.27 -2.81
C LEU D 239 27.52 -11.76 -1.83
#